data_7UZ2
#
_entry.id   7UZ2
#
_cell.length_a   168.265
_cell.length_b   168.265
_cell.length_c   95.504
_cell.angle_alpha   90.000
_cell.angle_beta   90.000
_cell.angle_gamma   120.000
#
_symmetry.space_group_name_H-M   'P 31 2 1'
#
loop_
_entity.id
_entity.type
_entity.pdbx_description
1 polymer Beta-galactosidase
2 non-polymer (1R,2S,3R,4R)-5-fluoro-6-(hydroxymethyl)cyclohex-5-ene-1,2,3,4-tetrol
3 water water
#
_entity_poly.entity_id   1
_entity_poly.type   'polypeptide(L)'
_entity_poly.pdbx_seq_one_letter_code
;MYSFPNSFRFGWSQAGFQSEMGTPGSEDPNTDWYKWVHDPENMAAGLVSGDLPENGPGYWGNYKTFHDNAQKMGLKIARL
NVEWSRIFPNPLPRPQNFDESKQDVTEVEINENELKRLDEYANKDALNHYREIFKDLKSRGLYFILNMYHWPLPLWLHDP
IRVRRGDFTGPSGWLSTRTVYEFARFSAYIAWKFDDLVDEYSTMNEPNVVGGLGYVGVKSGFPPGYLSFELSRRHMYNII
QAHARAYDGIKSVSKKPVGIIYANSSFQPLTDKDMEAVEMAENDNRWWFFDAIIRGEITRGNEKIVRDDLKGRLDWIGVN
YYTRTVVKRTEKGYVSLGGYGHGCERNSVSLAGLPTSDFGWEFFPEGLYDVLTKYWNRYHLYMYVTENGIADDADYQRPY
YLVSHVYQVHRAINSGADVRGYLHWSLADNYEWASGFSMRFGLLKVDYNTKRLYWRPSALVYREIATNGAITDEIEHLNS
VPPVKPLRH
;
_entity_poly.pdbx_strand_id   A,B
#
# COMPACT_ATOMS: atom_id res chain seq x y z
N MET A 1 31.26 -31.52 -11.45
CA MET A 1 31.86 -30.23 -11.09
C MET A 1 31.41 -29.18 -12.13
N TYR A 2 31.20 -27.92 -11.73
CA TYR A 2 30.96 -26.76 -12.64
C TYR A 2 32.04 -25.72 -12.37
N SER A 3 33.10 -25.73 -13.17
CA SER A 3 34.33 -24.94 -12.97
C SER A 3 34.19 -23.66 -13.78
N PHE A 4 34.50 -22.53 -13.15
CA PHE A 4 34.43 -21.16 -13.73
C PHE A 4 35.83 -20.78 -14.24
N PRO A 5 35.97 -19.83 -15.18
CA PRO A 5 37.30 -19.38 -15.62
C PRO A 5 38.20 -18.97 -14.46
N ASN A 6 39.51 -19.16 -14.62
CA ASN A 6 40.53 -18.88 -13.57
C ASN A 6 40.42 -17.40 -13.16
N SER A 7 39.95 -16.52 -14.04
CA SER A 7 39.83 -15.05 -13.83
C SER A 7 38.50 -14.66 -13.16
N PHE A 8 37.48 -15.53 -13.18
CA PHE A 8 36.11 -15.21 -12.66
C PHE A 8 36.21 -15.01 -11.15
N ARG A 9 35.50 -14.04 -10.61
CA ARG A 9 35.55 -13.77 -9.16
C ARG A 9 34.13 -13.87 -8.57
N PHE A 10 34.05 -14.53 -7.41
CA PHE A 10 32.90 -14.64 -6.49
C PHE A 10 33.06 -13.60 -5.38
N GLY A 11 31.97 -12.89 -5.07
CA GLY A 11 32.00 -11.95 -3.95
C GLY A 11 30.61 -11.53 -3.56
N TRP A 12 30.47 -10.25 -3.21
CA TRP A 12 29.21 -9.72 -2.67
C TRP A 12 29.03 -8.26 -3.05
N SER A 13 27.78 -7.82 -2.96
CA SER A 13 27.36 -6.43 -3.15
C SER A 13 26.68 -5.94 -1.85
N GLN A 14 26.76 -4.63 -1.62
CA GLN A 14 26.35 -3.98 -0.37
C GLN A 14 26.08 -2.49 -0.67
N ALA A 15 25.13 -1.89 0.03
CA ALA A 15 24.75 -0.48 -0.11
C ALA A 15 25.14 0.28 1.15
N GLY A 16 25.48 1.57 0.99
CA GLY A 16 25.84 2.45 2.11
C GLY A 16 24.72 2.61 3.10
N PHE A 17 23.54 2.96 2.64
CA PHE A 17 22.43 3.34 3.52
C PHE A 17 22.00 2.07 4.27
N GLN A 18 22.07 0.92 3.60
CA GLN A 18 21.50 -0.36 4.12
C GLN A 18 22.40 -0.94 5.20
N SER A 19 23.73 -0.83 5.07
CA SER A 19 24.73 -1.52 5.91
C SER A 19 25.57 -0.56 6.77
N GLU A 20 25.71 0.74 6.46
CA GLU A 20 26.76 1.55 7.17
C GLU A 20 26.38 1.81 8.63
N MET A 21 25.20 2.36 8.87
CA MET A 21 24.83 2.89 10.21
C MET A 21 24.56 1.71 11.18
N GLY A 22 24.57 2.03 12.48
CA GLY A 22 24.33 1.07 13.58
C GLY A 22 25.35 1.19 14.69
N THR A 23 26.60 1.58 14.35
CA THR A 23 27.67 1.90 15.32
C THR A 23 27.60 3.39 15.66
N PRO A 24 27.43 3.79 16.95
CA PRO A 24 27.47 5.23 17.30
C PRO A 24 28.65 5.93 16.58
N GLY A 25 28.39 7.12 16.00
CA GLY A 25 29.37 7.90 15.21
C GLY A 25 29.11 7.78 13.72
N SER A 26 28.24 6.85 13.30
CA SER A 26 28.03 6.51 11.87
C SER A 26 26.82 7.28 11.30
N GLU A 27 26.03 7.95 12.14
CA GLU A 27 24.69 8.45 11.77
C GLU A 27 24.80 9.42 10.57
N ASP A 28 23.96 9.25 9.54
CA ASP A 28 23.91 10.20 8.38
C ASP A 28 22.48 10.66 8.18
N PRO A 29 22.05 11.76 8.83
CA PRO A 29 20.66 12.19 8.81
C PRO A 29 20.38 13.09 7.60
N ASN A 30 21.31 13.22 6.66
CA ASN A 30 21.22 14.25 5.57
C ASN A 30 20.81 13.66 4.22
N THR A 31 19.88 12.68 4.20
CA THR A 31 19.31 12.10 2.96
C THR A 31 17.79 12.17 2.97
N ASP A 32 17.21 12.14 1.78
CA ASP A 32 15.75 11.98 1.57
C ASP A 32 15.26 10.71 2.29
N TRP A 33 15.97 9.59 2.09
CA TRP A 33 15.62 8.25 2.67
C TRP A 33 15.57 8.29 4.20
N TYR A 34 16.57 8.93 4.82
CA TYR A 34 16.59 9.08 6.31
C TYR A 34 15.33 9.82 6.72
N LYS A 35 15.10 10.97 6.08
CA LYS A 35 13.95 11.80 6.51
C LYS A 35 12.69 10.98 6.27
N TRP A 36 12.66 10.31 5.12
CA TRP A 36 11.48 9.55 4.64
C TRP A 36 11.11 8.44 5.65
N VAL A 37 12.09 7.71 6.20
CA VAL A 37 11.78 6.54 7.10
C VAL A 37 11.54 7.01 8.54
N HIS A 38 11.90 8.27 8.85
CA HIS A 38 11.58 8.89 10.15
C HIS A 38 10.29 9.69 10.09
N ASP A 39 9.64 9.79 8.94
CA ASP A 39 8.44 10.67 8.81
C ASP A 39 7.28 10.13 9.64
N PRO A 40 6.74 10.97 10.56
CA PRO A 40 5.62 10.55 11.38
C PRO A 40 4.47 10.03 10.53
N GLU A 41 4.12 10.73 9.44
CA GLU A 41 2.89 10.38 8.68
C GLU A 41 3.16 9.09 7.89
N ASN A 42 4.32 8.94 7.26
CA ASN A 42 4.74 7.70 6.55
C ASN A 42 4.63 6.49 7.51
N MET A 43 5.03 6.65 8.78
CA MET A 43 4.95 5.58 9.80
C MET A 43 3.49 5.23 10.12
N ALA A 44 2.59 6.21 10.25
CA ALA A 44 1.19 5.98 10.62
C ALA A 44 0.51 5.28 9.45
N ALA A 45 0.89 5.64 8.23
CA ALA A 45 0.30 5.06 7.01
C ALA A 45 0.79 3.61 6.80
N GLY A 46 1.91 3.22 7.41
CA GLY A 46 2.50 1.88 7.13
C GLY A 46 3.31 1.87 5.84
N LEU A 47 3.61 3.02 5.25
CA LEU A 47 4.41 3.08 4.00
C LEU A 47 5.82 2.68 4.39
N VAL A 48 6.23 2.98 5.61
CA VAL A 48 7.56 2.53 6.10
C VAL A 48 7.32 1.71 7.36
N SER A 49 8.29 0.87 7.70
CA SER A 49 8.15 -0.18 8.75
C SER A 49 8.18 0.42 10.16
N GLY A 50 8.80 1.59 10.34
CA GLY A 50 9.09 2.13 11.69
C GLY A 50 10.50 1.77 12.12
N ASP A 51 11.15 0.79 11.48
CA ASP A 51 12.56 0.48 11.79
C ASP A 51 13.38 1.63 11.23
N LEU A 52 14.50 1.93 11.88
CA LEU A 52 15.36 3.09 11.55
C LEU A 52 16.72 2.57 11.22
N PRO A 53 17.32 3.14 10.17
CA PRO A 53 18.61 2.66 9.69
C PRO A 53 19.77 2.89 10.66
N GLU A 54 19.65 3.83 11.60
CA GLU A 54 20.75 4.06 12.59
C GLU A 54 20.85 2.87 13.55
N ASN A 55 19.88 1.97 13.55
CA ASN A 55 19.91 0.74 14.37
C ASN A 55 20.44 -0.43 13.52
N GLY A 56 21.25 -0.16 12.49
CA GLY A 56 21.65 -1.12 11.44
C GLY A 56 22.87 -1.97 11.78
N PRO A 57 23.50 -2.65 10.79
CA PRO A 57 24.55 -3.62 11.08
C PRO A 57 25.93 -3.02 11.36
N GLY A 58 26.12 -1.72 11.15
CA GLY A 58 27.35 -1.01 11.60
C GLY A 58 28.57 -1.32 10.77
N TYR A 59 28.44 -1.39 9.45
CA TYR A 59 29.64 -1.51 8.59
C TYR A 59 30.59 -0.32 8.81
N TRP A 60 30.05 0.87 9.06
CA TRP A 60 30.88 2.12 9.22
C TRP A 60 31.98 1.87 10.27
N GLY A 61 31.63 1.31 11.45
CA GLY A 61 32.61 0.89 12.50
C GLY A 61 33.21 -0.49 12.29
N ASN A 62 32.46 -1.50 11.80
CA ASN A 62 32.86 -2.94 11.97
C ASN A 62 33.36 -3.52 10.66
N TYR A 63 33.72 -2.69 9.68
CA TYR A 63 34.11 -3.12 8.32
C TYR A 63 35.25 -4.13 8.38
N LYS A 64 36.21 -4.01 9.31
CA LYS A 64 37.32 -4.99 9.48
C LYS A 64 36.70 -6.41 9.65
N THR A 65 35.68 -6.57 10.49
CA THR A 65 34.98 -7.88 10.71
C THR A 65 34.30 -8.37 9.41
N PHE A 66 33.56 -7.49 8.72
CA PHE A 66 32.87 -7.83 7.45
C PHE A 66 33.93 -8.43 6.53
N HIS A 67 35.08 -7.73 6.39
CA HIS A 67 36.14 -8.09 5.42
C HIS A 67 36.86 -9.38 5.88
N ASP A 68 37.12 -9.57 7.19
CA ASP A 68 37.67 -10.82 7.79
C ASP A 68 36.84 -12.02 7.29
N ASN A 69 35.52 -11.92 7.46
CA ASN A 69 34.52 -12.96 7.09
C ASN A 69 34.56 -13.19 5.58
N ALA A 70 34.59 -12.13 4.78
CA ALA A 70 34.64 -12.26 3.30
C ALA A 70 35.91 -13.00 2.84
N GLN A 71 37.06 -12.66 3.44
CA GLN A 71 38.36 -13.30 3.11
C GLN A 71 38.33 -14.79 3.52
N LYS A 72 37.87 -15.10 4.73
CA LYS A 72 37.65 -16.50 5.21
C LYS A 72 36.72 -17.24 4.25
N MET A 73 35.72 -16.55 3.70
CA MET A 73 34.73 -17.17 2.77
C MET A 73 35.34 -17.35 1.39
N GLY A 74 36.57 -16.83 1.15
CA GLY A 74 37.30 -17.01 -0.13
C GLY A 74 36.82 -16.05 -1.21
N LEU A 75 36.17 -14.97 -0.81
CA LEU A 75 35.59 -14.01 -1.78
C LEU A 75 36.71 -13.16 -2.35
N LYS A 76 36.60 -12.75 -3.61
CA LYS A 76 37.67 -12.02 -4.34
C LYS A 76 37.13 -10.74 -5.00
N ILE A 77 35.87 -10.36 -4.81
CA ILE A 77 35.32 -9.11 -5.41
C ILE A 77 34.26 -8.52 -4.48
N ALA A 78 34.21 -7.20 -4.41
CA ALA A 78 33.25 -6.44 -3.59
C ALA A 78 32.71 -5.28 -4.42
N ARG A 79 31.43 -5.00 -4.27
CA ARG A 79 30.80 -3.80 -4.87
C ARG A 79 29.99 -3.11 -3.78
N LEU A 80 30.31 -1.84 -3.56
CA LEU A 80 29.81 -0.94 -2.51
C LEU A 80 29.64 0.42 -3.18
N ASN A 81 28.94 1.32 -2.53
CA ASN A 81 28.83 2.71 -3.00
C ASN A 81 29.31 3.64 -1.88
N VAL A 82 29.80 4.82 -2.27
CA VAL A 82 29.88 6.00 -1.37
C VAL A 82 28.49 6.63 -1.30
N GLU A 83 28.14 7.18 -0.13
CA GLU A 83 26.90 7.96 0.07
C GLU A 83 27.24 9.45 -0.20
N TRP A 84 26.71 9.99 -1.29
CA TRP A 84 26.76 11.42 -1.70
C TRP A 84 26.63 12.32 -0.47
N SER A 85 25.51 12.18 0.24
CA SER A 85 25.14 12.89 1.48
C SER A 85 26.31 13.00 2.45
N ARG A 86 27.13 11.95 2.58
CA ARG A 86 28.23 11.87 3.57
C ARG A 86 29.30 12.87 3.14
N ILE A 87 29.52 12.98 1.84
CA ILE A 87 30.68 13.72 1.25
C ILE A 87 30.33 15.21 1.11
N PHE A 88 29.08 15.50 0.73
CA PHE A 88 28.55 16.87 0.49
C PHE A 88 27.25 17.02 1.23
N PRO A 89 27.26 17.10 2.56
CA PRO A 89 26.02 17.22 3.30
C PRO A 89 25.34 18.58 3.18
N ASN A 90 26.08 19.62 2.76
CA ASN A 90 25.60 21.03 2.73
C ASN A 90 25.39 21.50 1.30
N PRO A 91 24.38 22.38 1.08
CA PRO A 91 24.05 22.91 -0.25
C PRO A 91 25.28 23.51 -0.95
N LEU A 92 25.46 23.21 -2.23
CA LEU A 92 26.44 23.88 -3.10
C LEU A 92 25.75 25.10 -3.71
N PRO A 93 26.49 26.20 -3.99
CA PRO A 93 25.90 27.37 -4.64
C PRO A 93 25.44 27.00 -6.06
N ARG A 94 24.22 27.41 -6.45
CA ARG A 94 23.69 27.20 -7.83
C ARG A 94 24.79 27.62 -8.81
N PRO A 95 25.01 26.89 -9.93
CA PRO A 95 25.99 27.31 -10.92
C PRO A 95 25.58 28.62 -11.66
N GLN A 96 26.57 29.39 -12.13
CA GLN A 96 26.39 30.59 -12.99
C GLN A 96 26.30 30.12 -14.45
N ASN A 97 25.41 30.73 -15.25
CA ASN A 97 25.19 30.38 -16.68
C ASN A 97 25.05 28.86 -16.83
N PHE A 98 23.99 28.30 -16.24
CA PHE A 98 23.41 26.95 -16.49
C PHE A 98 21.89 27.12 -16.41
N ASP A 99 21.16 26.88 -17.51
CA ASP A 99 19.70 27.19 -17.60
C ASP A 99 18.90 26.01 -17.01
N GLU A 100 18.34 26.21 -15.82
CA GLU A 100 17.68 25.17 -14.99
C GLU A 100 16.36 24.73 -15.65
N SER A 101 15.93 25.40 -16.72
CA SER A 101 14.65 25.09 -17.44
C SER A 101 14.91 24.35 -18.77
N LYS A 102 16.16 24.15 -19.20
CA LYS A 102 16.53 23.34 -20.39
C LYS A 102 16.35 21.88 -20.02
N GLN A 103 15.63 21.14 -20.87
CA GLN A 103 15.30 19.68 -20.79
C GLN A 103 16.58 18.84 -20.89
N ASP A 104 17.49 19.20 -21.80
CA ASP A 104 18.70 18.40 -22.14
C ASP A 104 19.90 18.92 -21.36
N VAL A 105 20.77 17.99 -20.97
CA VAL A 105 22.08 18.21 -20.29
C VAL A 105 23.09 17.41 -21.10
N THR A 106 23.70 18.05 -22.12
CA THR A 106 24.56 17.37 -23.11
C THR A 106 26.02 17.42 -22.68
N GLU A 107 26.41 18.35 -21.78
CA GLU A 107 27.81 18.49 -21.30
C GLU A 107 27.80 19.03 -19.88
N VAL A 108 28.73 18.55 -19.07
CA VAL A 108 29.12 19.17 -17.79
C VAL A 108 30.64 19.30 -17.81
N GLU A 109 31.12 20.57 -17.87
CA GLU A 109 32.56 20.90 -17.97
C GLU A 109 33.14 20.60 -16.60
N ILE A 110 34.11 19.69 -16.53
CA ILE A 110 34.84 19.41 -15.27
C ILE A 110 36.33 19.45 -15.55
N ASN A 111 37.11 20.12 -14.68
CA ASN A 111 38.58 20.25 -14.77
C ASN A 111 39.17 20.31 -13.35
N GLU A 112 40.50 20.27 -13.29
CA GLU A 112 41.35 20.46 -12.08
C GLU A 112 40.79 21.53 -11.14
N ASN A 113 40.32 22.67 -11.66
CA ASN A 113 39.91 23.85 -10.84
C ASN A 113 38.49 23.64 -10.29
N GLU A 114 37.55 23.17 -11.11
CA GLU A 114 36.15 22.89 -10.65
C GLU A 114 36.25 21.81 -9.55
N LEU A 115 37.13 20.82 -9.72
CA LEU A 115 37.41 19.76 -8.71
C LEU A 115 38.01 20.33 -7.41
N LYS A 116 39.01 21.20 -7.52
CA LYS A 116 39.68 21.78 -6.31
C LYS A 116 38.67 22.68 -5.58
N ARG A 117 37.73 23.30 -6.29
CA ARG A 117 36.69 24.16 -5.66
C ARG A 117 35.79 23.27 -4.81
N LEU A 118 35.37 22.13 -5.39
CA LEU A 118 34.59 21.09 -4.67
C LEU A 118 35.31 20.72 -3.37
N ASP A 119 36.60 20.39 -3.44
CA ASP A 119 37.40 20.02 -2.22
C ASP A 119 36.96 20.91 -1.06
N GLU A 120 36.76 22.21 -1.29
CA GLU A 120 36.46 23.23 -0.24
C GLU A 120 35.15 22.86 0.47
N TYR A 121 34.22 22.21 -0.24
CA TYR A 121 32.89 21.84 0.32
C TYR A 121 32.90 20.42 0.90
N ALA A 122 33.83 19.54 0.48
CA ALA A 122 33.80 18.09 0.79
C ALA A 122 34.02 17.83 2.30
N ASN A 123 33.21 16.97 2.91
CA ASN A 123 33.46 16.45 4.28
C ASN A 123 34.69 15.55 4.26
N LYS A 124 35.82 16.02 4.84
CA LYS A 124 37.15 15.35 4.84
C LYS A 124 37.15 14.13 5.79
N ASP A 125 36.39 14.15 6.87
CA ASP A 125 36.29 13.00 7.81
C ASP A 125 35.66 11.78 7.07
N ALA A 126 34.57 12.03 6.32
CA ALA A 126 33.90 11.01 5.47
C ALA A 126 34.89 10.46 4.44
N LEU A 127 35.53 11.33 3.65
CA LEU A 127 36.51 10.90 2.63
C LEU A 127 37.56 10.00 3.28
N ASN A 128 38.12 10.43 4.42
CA ASN A 128 39.22 9.69 5.10
C ASN A 128 38.69 8.32 5.61
N HIS A 129 37.50 8.31 6.20
CA HIS A 129 36.85 7.06 6.68
C HIS A 129 36.66 6.08 5.51
N TYR A 130 36.04 6.51 4.41
CA TYR A 130 35.90 5.68 3.19
C TYR A 130 37.26 5.21 2.69
N ARG A 131 38.28 6.06 2.74
CA ARG A 131 39.63 5.65 2.28
C ARG A 131 40.10 4.48 3.17
N GLU A 132 39.86 4.57 4.48
CA GLU A 132 40.27 3.53 5.46
C GLU A 132 39.49 2.25 5.14
N ILE A 133 38.20 2.35 4.80
CA ILE A 133 37.36 1.16 4.50
C ILE A 133 37.96 0.50 3.26
N PHE A 134 38.22 1.27 2.22
CA PHE A 134 38.58 0.75 0.89
C PHE A 134 39.98 0.13 0.92
N LYS A 135 40.89 0.67 1.73
CA LYS A 135 42.28 0.16 1.84
C LYS A 135 42.23 -1.24 2.49
N ASP A 136 41.51 -1.34 3.61
CA ASP A 136 41.28 -2.61 4.35
C ASP A 136 40.67 -3.62 3.38
N LEU A 137 39.66 -3.19 2.60
CA LEU A 137 39.06 -4.04 1.53
C LEU A 137 40.17 -4.56 0.63
N LYS A 138 40.96 -3.66 0.02
CA LYS A 138 42.03 -4.05 -0.93
C LYS A 138 43.07 -4.94 -0.26
N SER A 139 43.42 -4.69 1.00
CA SER A 139 44.44 -5.49 1.73
C SER A 139 44.00 -6.97 1.81
N ARG A 140 42.72 -7.30 1.60
CA ARG A 140 42.28 -8.73 1.57
C ARG A 140 42.32 -9.32 0.16
N GLY A 141 42.95 -8.67 -0.82
CA GLY A 141 42.95 -9.12 -2.23
C GLY A 141 41.56 -9.08 -2.86
N LEU A 142 40.65 -8.22 -2.38
CA LEU A 142 39.30 -8.03 -2.98
C LEU A 142 39.38 -6.99 -4.12
N TYR A 143 39.13 -7.40 -5.35
CA TYR A 143 38.83 -6.55 -6.52
C TYR A 143 37.63 -5.67 -6.16
N PHE A 144 37.69 -4.36 -6.49
CA PHE A 144 36.79 -3.31 -5.94
C PHE A 144 36.03 -2.63 -7.08
N ILE A 145 34.72 -2.89 -7.18
CA ILE A 145 33.75 -2.10 -8.00
C ILE A 145 33.17 -0.99 -7.11
N LEU A 146 33.49 0.27 -7.42
CA LEU A 146 32.89 1.42 -6.69
C LEU A 146 31.69 1.93 -7.48
N ASN A 147 30.56 2.00 -6.80
CA ASN A 147 29.28 2.55 -7.33
C ASN A 147 29.10 3.94 -6.73
N MET A 148 28.64 4.92 -7.51
CA MET A 148 28.47 6.31 -7.00
C MET A 148 27.14 6.48 -6.27
N TYR A 149 26.12 5.67 -6.57
CA TYR A 149 24.72 5.99 -6.18
C TYR A 149 23.89 4.71 -5.97
N HIS A 150 23.33 4.55 -4.78
CA HIS A 150 22.41 3.43 -4.42
C HIS A 150 21.23 4.01 -3.64
N TRP A 151 20.63 5.07 -4.18
CA TRP A 151 19.23 5.52 -3.97
C TRP A 151 19.15 6.80 -3.13
N PRO A 152 19.67 6.90 -1.89
CA PRO A 152 19.54 8.14 -1.12
C PRO A 152 20.27 9.30 -1.84
N LEU A 153 19.61 10.46 -1.86
CA LEU A 153 20.16 11.80 -2.28
C LEU A 153 20.37 12.71 -1.08
N PRO A 154 21.37 13.63 -1.11
CA PRO A 154 21.43 14.71 -0.11
C PRO A 154 20.08 15.40 0.00
N LEU A 155 19.65 15.72 1.23
CA LEU A 155 18.38 16.42 1.50
C LEU A 155 18.38 17.73 0.72
N TRP A 156 19.56 18.32 0.51
CA TRP A 156 19.68 19.65 -0.14
C TRP A 156 19.39 19.48 -1.63
N LEU A 157 19.33 18.25 -2.15
CA LEU A 157 18.91 17.98 -3.56
C LEU A 157 17.52 17.38 -3.62
N HIS A 158 16.94 16.87 -2.52
CA HIS A 158 15.59 16.28 -2.53
C HIS A 158 14.96 16.28 -1.15
N ASP A 159 13.86 17.00 -1.01
CA ASP A 159 13.02 16.97 0.20
C ASP A 159 11.81 16.17 -0.19
N PRO A 160 11.77 14.86 0.19
CA PRO A 160 10.79 13.95 -0.38
C PRO A 160 9.41 14.19 0.22
N ILE A 161 9.31 14.76 1.44
CA ILE A 161 8.00 14.97 2.10
C ILE A 161 7.23 16.12 1.42
N ARG A 162 7.95 17.16 1.02
CA ARG A 162 7.34 18.31 0.32
C ARG A 162 6.71 17.84 -1.01
N VAL A 163 7.47 17.07 -1.77
CA VAL A 163 7.04 16.42 -3.03
C VAL A 163 5.86 15.44 -2.78
N ARG A 164 5.92 14.55 -1.79
CA ARG A 164 4.76 13.67 -1.46
C ARG A 164 3.50 14.54 -1.34
N ARG A 165 3.59 15.70 -0.67
CA ARG A 165 2.44 16.60 -0.36
C ARG A 165 1.96 17.38 -1.61
N GLY A 166 2.72 17.31 -2.71
CA GLY A 166 2.34 17.91 -4.00
C GLY A 166 2.96 19.30 -4.21
N ASP A 167 4.03 19.61 -3.49
CA ASP A 167 4.78 20.89 -3.54
C ASP A 167 6.06 20.67 -4.34
N PHE A 168 6.15 21.26 -5.55
CA PHE A 168 7.33 21.15 -6.43
C PHE A 168 8.22 22.41 -6.40
N THR A 169 8.13 23.25 -5.36
CA THR A 169 8.91 24.53 -5.23
C THR A 169 10.28 24.25 -4.62
N GLY A 170 10.49 23.05 -4.05
CA GLY A 170 11.68 22.68 -3.28
C GLY A 170 12.68 21.83 -4.07
N PRO A 171 13.72 21.28 -3.40
CA PRO A 171 14.61 20.33 -4.04
C PRO A 171 13.81 19.07 -4.40
N SER A 172 13.88 18.65 -5.67
CA SER A 172 12.90 17.72 -6.28
C SER A 172 13.60 16.45 -6.83
N GLY A 173 14.87 16.26 -6.48
CA GLY A 173 15.63 15.02 -6.77
C GLY A 173 15.89 14.87 -8.25
N TRP A 174 15.59 13.70 -8.81
CA TRP A 174 15.87 13.42 -10.23
C TRP A 174 14.89 14.16 -11.17
N LEU A 175 13.86 14.81 -10.64
CA LEU A 175 12.92 15.60 -11.47
C LEU A 175 13.62 16.89 -11.98
N SER A 176 14.81 17.24 -11.48
CA SER A 176 15.53 18.51 -11.73
C SER A 176 16.90 18.24 -12.37
N THR A 177 17.19 18.93 -13.47
CA THR A 177 18.52 18.91 -14.15
C THR A 177 19.62 19.35 -13.19
N ARG A 178 19.34 20.11 -12.14
CA ARG A 178 20.37 20.51 -11.14
C ARG A 178 20.97 19.23 -10.56
N THR A 179 20.12 18.25 -10.25
CA THR A 179 20.54 16.97 -9.64
C THR A 179 21.43 16.26 -10.66
N VAL A 180 21.03 16.28 -11.92
CA VAL A 180 21.86 15.69 -13.02
C VAL A 180 23.24 16.36 -13.01
N TYR A 181 23.27 17.70 -13.04
CA TYR A 181 24.52 18.48 -13.14
C TYR A 181 25.42 18.09 -11.95
N GLU A 182 24.89 18.19 -10.72
CA GLU A 182 25.69 17.92 -9.51
C GLU A 182 26.10 16.44 -9.49
N PHE A 183 25.28 15.51 -10.05
CA PHE A 183 25.63 14.07 -10.02
C PHE A 183 26.89 13.84 -10.85
N ALA A 184 26.99 14.48 -12.02
CA ALA A 184 28.18 14.32 -12.90
C ALA A 184 29.45 14.75 -12.16
N ARG A 185 29.34 15.86 -11.41
CA ARG A 185 30.47 16.50 -10.71
C ARG A 185 30.87 15.62 -9.50
N PHE A 186 29.90 15.20 -8.70
CA PHE A 186 30.12 14.22 -7.60
C PHE A 186 30.92 13.02 -8.11
N SER A 187 30.46 12.40 -9.20
CA SER A 187 31.08 11.17 -9.77
C SER A 187 32.52 11.45 -10.15
N ALA A 188 32.76 12.55 -10.85
CA ALA A 188 34.12 12.99 -11.23
C ALA A 188 34.97 13.11 -9.97
N TYR A 189 34.44 13.79 -8.96
CA TYR A 189 35.17 14.09 -7.71
C TYR A 189 35.59 12.76 -7.04
N ILE A 190 34.67 11.80 -6.98
CA ILE A 190 34.92 10.53 -6.23
C ILE A 190 36.01 9.77 -6.98
N ALA A 191 35.90 9.65 -8.30
CA ALA A 191 36.96 9.00 -9.10
C ALA A 191 38.29 9.72 -8.87
N TRP A 192 38.26 11.04 -8.76
CA TRP A 192 39.50 11.87 -8.64
C TRP A 192 40.14 11.57 -7.26
N LYS A 193 39.33 11.36 -6.23
CA LYS A 193 39.86 11.04 -4.88
C LYS A 193 40.23 9.55 -4.76
N PHE A 194 39.57 8.61 -5.45
CA PHE A 194 39.64 7.18 -5.06
C PHE A 194 40.22 6.27 -6.15
N ASP A 195 40.61 6.82 -7.30
CA ASP A 195 40.94 5.97 -8.49
C ASP A 195 42.17 5.12 -8.21
N ASP A 196 43.02 5.43 -7.24
CA ASP A 196 44.17 4.57 -6.88
C ASP A 196 43.66 3.24 -6.29
N LEU A 197 42.54 3.26 -5.56
CA LEU A 197 41.98 2.05 -4.87
C LEU A 197 41.07 1.27 -5.82
N VAL A 198 40.32 1.96 -6.68
CA VAL A 198 39.17 1.41 -7.45
C VAL A 198 39.70 0.58 -8.62
N ASP A 199 38.96 -0.46 -9.01
CA ASP A 199 39.29 -1.35 -10.15
C ASP A 199 38.31 -1.08 -11.29
N GLU A 200 37.00 -0.98 -11.01
CA GLU A 200 35.96 -0.61 -12.00
C GLU A 200 34.92 0.24 -11.31
N TYR A 201 34.16 1.00 -12.08
CA TYR A 201 33.18 1.98 -11.57
C TYR A 201 31.80 1.55 -12.05
N SER A 202 30.81 1.88 -11.24
CA SER A 202 29.40 1.95 -11.65
C SER A 202 28.90 3.34 -11.33
N THR A 203 28.10 3.91 -12.20
CA THR A 203 27.48 5.22 -11.90
C THR A 203 26.41 4.99 -10.87
N MET A 204 25.48 4.05 -11.13
CA MET A 204 24.23 3.98 -10.36
C MET A 204 23.84 2.52 -10.11
N ASN A 205 23.02 2.31 -9.10
CA ASN A 205 22.36 1.01 -8.81
C ASN A 205 20.87 1.17 -9.07
N GLU A 206 20.33 0.45 -10.04
CA GLU A 206 18.85 0.30 -10.21
C GLU A 206 18.14 1.65 -10.19
N PRO A 207 18.54 2.60 -11.08
CA PRO A 207 17.79 3.87 -11.18
C PRO A 207 16.34 3.67 -11.63
N ASN A 208 16.04 2.59 -12.36
CA ASN A 208 14.67 2.14 -12.74
C ASN A 208 13.81 1.87 -11.49
N VAL A 209 14.37 1.31 -10.44
CA VAL A 209 13.51 1.01 -9.26
C VAL A 209 13.24 2.31 -8.50
N VAL A 210 14.22 3.21 -8.40
CA VAL A 210 14.00 4.52 -7.72
C VAL A 210 12.79 5.21 -8.35
N GLY A 211 12.71 5.32 -9.67
CA GLY A 211 11.61 6.05 -10.34
C GLY A 211 10.33 5.25 -10.39
N GLY A 212 10.41 3.95 -10.63
CA GLY A 212 9.25 3.04 -10.69
C GLY A 212 8.47 3.00 -9.38
N LEU A 213 9.13 2.73 -8.26
CA LEU A 213 8.44 2.64 -6.95
C LEU A 213 8.18 4.06 -6.38
N GLY A 214 9.07 5.03 -6.65
CA GLY A 214 8.87 6.42 -6.18
C GLY A 214 7.63 7.09 -6.75
N TYR A 215 7.33 6.89 -8.03
CA TYR A 215 6.32 7.68 -8.77
C TYR A 215 5.18 6.82 -9.34
N VAL A 216 5.27 5.49 -9.28
CA VAL A 216 4.12 4.63 -9.71
C VAL A 216 3.75 3.61 -8.64
N GLY A 217 4.67 2.73 -8.25
CA GLY A 217 4.46 1.69 -7.22
C GLY A 217 4.40 2.29 -5.81
N VAL A 218 3.49 3.25 -5.56
CA VAL A 218 3.57 4.09 -4.34
C VAL A 218 3.22 3.30 -3.08
N LYS A 219 2.56 2.16 -3.18
CA LYS A 219 2.36 1.27 -1.99
C LYS A 219 3.69 0.74 -1.43
N SER A 220 4.75 0.71 -2.23
CA SER A 220 6.13 0.33 -1.82
C SER A 220 6.66 1.21 -0.68
N GLY A 221 6.15 2.44 -0.48
CA GLY A 221 6.72 3.38 0.50
C GLY A 221 8.10 3.83 0.12
N PHE A 222 8.32 4.10 -1.17
CA PHE A 222 9.61 4.60 -1.70
C PHE A 222 9.45 6.10 -1.92
N PRO A 223 10.47 6.91 -1.59
CA PRO A 223 10.33 8.37 -1.68
C PRO A 223 10.35 8.78 -3.14
N PRO A 224 9.62 9.83 -3.56
CA PRO A 224 8.77 10.62 -2.69
C PRO A 224 7.30 10.17 -2.63
N GLY A 225 6.97 9.02 -3.24
CA GLY A 225 5.62 8.46 -3.12
C GLY A 225 4.58 9.41 -3.70
N TYR A 226 4.95 10.01 -4.84
CA TYR A 226 4.07 10.92 -5.59
C TYR A 226 3.64 10.23 -6.90
N LEU A 227 2.37 9.85 -6.97
CA LEU A 227 1.83 9.00 -8.05
C LEU A 227 1.64 9.87 -9.30
N SER A 228 2.47 9.61 -10.31
CA SER A 228 2.46 10.33 -11.60
C SER A 228 3.25 9.56 -12.66
N PHE A 229 2.57 9.13 -13.71
CA PHE A 229 3.22 8.56 -14.92
C PHE A 229 4.21 9.58 -15.52
N GLU A 230 3.78 10.83 -15.61
CA GLU A 230 4.54 11.98 -16.23
C GLU A 230 5.85 12.14 -15.49
N LEU A 231 5.81 12.29 -14.17
CA LEU A 231 7.05 12.47 -13.37
C LEU A 231 7.90 11.20 -13.44
N SER A 232 7.29 10.02 -13.60
CA SER A 232 8.04 8.75 -13.73
C SER A 232 8.93 8.81 -14.99
N ARG A 233 8.35 9.29 -16.09
CA ARG A 233 9.06 9.51 -17.40
C ARG A 233 10.15 10.55 -17.21
N ARG A 234 9.86 11.69 -16.57
CA ARG A 234 10.88 12.76 -16.40
C ARG A 234 12.07 12.20 -15.58
N HIS A 235 11.80 11.48 -14.48
CA HIS A 235 12.85 10.84 -13.65
C HIS A 235 13.74 10.01 -14.57
N MET A 236 13.14 9.18 -15.41
CA MET A 236 13.95 8.19 -16.15
C MET A 236 14.77 8.94 -17.21
N TYR A 237 14.20 9.99 -17.82
CA TYR A 237 14.96 10.82 -18.79
C TYR A 237 16.17 11.44 -18.10
N ASN A 238 15.97 12.04 -16.93
CA ASN A 238 17.08 12.71 -16.19
C ASN A 238 18.13 11.71 -15.74
N ILE A 239 17.72 10.50 -15.35
CA ILE A 239 18.71 9.47 -14.92
C ILE A 239 19.54 9.01 -16.12
N ILE A 240 18.94 8.82 -17.30
CA ILE A 240 19.75 8.47 -18.52
C ILE A 240 20.87 9.52 -18.68
N GLN A 241 20.51 10.80 -18.61
CA GLN A 241 21.46 11.93 -18.84
C GLN A 241 22.49 11.97 -17.71
N ALA A 242 22.03 11.77 -16.47
CA ALA A 242 22.93 11.77 -15.31
C ALA A 242 23.94 10.66 -15.53
N HIS A 243 23.51 9.54 -16.08
CA HIS A 243 24.45 8.42 -16.26
C HIS A 243 25.54 8.85 -17.27
N ALA A 244 25.13 9.31 -18.46
CA ALA A 244 26.05 9.71 -19.55
C ALA A 244 27.07 10.76 -19.05
N ARG A 245 26.57 11.75 -18.31
CA ARG A 245 27.37 12.91 -17.82
C ARG A 245 28.33 12.41 -16.75
N ALA A 246 27.90 11.49 -15.87
CA ALA A 246 28.76 10.84 -14.85
C ALA A 246 29.85 10.00 -15.54
N TYR A 247 29.51 9.29 -16.61
CA TYR A 247 30.49 8.51 -17.39
C TYR A 247 31.59 9.48 -17.86
N ASP A 248 31.22 10.57 -18.53
CA ASP A 248 32.17 11.57 -19.11
C ASP A 248 33.03 12.14 -18.00
N GLY A 249 32.36 12.52 -16.90
CA GLY A 249 32.97 12.98 -15.65
C GLY A 249 34.09 12.04 -15.20
N ILE A 250 33.77 10.76 -15.07
CA ILE A 250 34.73 9.74 -14.56
C ILE A 250 35.83 9.58 -15.61
N LYS A 251 35.45 9.48 -16.87
CA LYS A 251 36.44 9.22 -17.95
C LYS A 251 37.39 10.42 -18.13
N SER A 252 37.06 11.58 -17.59
CA SER A 252 37.93 12.78 -17.63
C SER A 252 39.06 12.67 -16.59
N VAL A 253 39.02 11.66 -15.73
CA VAL A 253 39.89 11.56 -14.52
C VAL A 253 40.44 10.14 -14.37
N SER A 254 39.93 9.16 -15.13
CA SER A 254 40.31 7.74 -15.01
C SER A 254 40.24 7.10 -16.39
N LYS A 255 41.07 6.11 -16.65
CA LYS A 255 40.98 5.29 -17.89
C LYS A 255 40.26 3.96 -17.56
N LYS A 256 39.67 3.82 -16.36
CA LYS A 256 39.12 2.52 -15.86
C LYS A 256 37.69 2.29 -16.33
N PRO A 257 37.24 1.02 -16.38
CA PRO A 257 35.89 0.71 -16.86
C PRO A 257 34.80 1.39 -16.00
N VAL A 258 33.80 1.96 -16.69
CA VAL A 258 32.58 2.62 -16.14
C VAL A 258 31.36 1.88 -16.70
N GLY A 259 30.54 1.34 -15.78
CA GLY A 259 29.29 0.64 -16.13
C GLY A 259 28.11 1.21 -15.37
N ILE A 260 27.02 0.44 -15.39
CA ILE A 260 25.81 0.73 -14.58
C ILE A 260 25.24 -0.61 -14.08
N ILE A 261 24.57 -0.56 -12.95
CA ILE A 261 23.89 -1.72 -12.32
C ILE A 261 22.40 -1.46 -12.40
N TYR A 262 21.63 -2.41 -12.93
CA TYR A 262 20.20 -2.27 -13.26
C TYR A 262 19.38 -3.50 -12.78
N ALA A 263 18.15 -3.28 -12.34
CA ALA A 263 17.23 -4.33 -11.81
C ALA A 263 16.57 -5.00 -13.02
N ASN A 264 16.72 -6.32 -13.13
CA ASN A 264 16.16 -7.11 -14.25
C ASN A 264 15.18 -8.15 -13.71
N SER A 265 14.12 -8.40 -14.45
CA SER A 265 13.25 -9.60 -14.30
C SER A 265 13.43 -10.42 -15.56
N SER A 266 13.28 -11.74 -15.47
CA SER A 266 13.13 -12.61 -16.67
C SER A 266 11.66 -12.62 -17.01
N PHE A 267 11.29 -12.02 -18.13
CA PHE A 267 9.91 -11.94 -18.62
C PHE A 267 9.59 -13.27 -19.26
N GLN A 268 8.49 -13.89 -18.85
CA GLN A 268 8.12 -15.27 -19.24
C GLN A 268 6.67 -15.26 -19.66
N PRO A 269 6.31 -16.08 -20.68
CA PRO A 269 4.97 -16.08 -21.22
C PRO A 269 4.02 -16.99 -20.46
N LEU A 270 2.81 -16.51 -20.11
CA LEU A 270 1.79 -17.31 -19.42
C LEU A 270 1.46 -18.53 -20.30
N THR A 271 1.17 -18.31 -21.59
CA THR A 271 0.93 -19.41 -22.58
C THR A 271 1.85 -19.24 -23.77
N ASP A 272 1.90 -20.25 -24.65
CA ASP A 272 2.69 -20.15 -25.91
C ASP A 272 2.16 -19.02 -26.81
N LYS A 273 1.01 -18.39 -26.51
CA LYS A 273 0.43 -17.29 -27.34
C LYS A 273 0.97 -15.91 -26.90
N ASP A 274 1.95 -15.84 -25.99
CA ASP A 274 2.29 -14.59 -25.24
C ASP A 274 3.74 -14.17 -25.47
N MET A 275 4.42 -14.75 -26.47
CA MET A 275 5.84 -14.46 -26.81
C MET A 275 6.02 -12.98 -27.20
N GLU A 276 5.07 -12.38 -27.89
CA GLU A 276 5.13 -10.95 -28.27
C GLU A 276 5.03 -10.09 -27.00
N ALA A 277 4.22 -10.49 -26.03
CA ALA A 277 4.09 -9.78 -24.74
C ALA A 277 5.45 -9.74 -24.04
N VAL A 278 6.20 -10.85 -24.09
CA VAL A 278 7.56 -10.96 -23.50
C VAL A 278 8.45 -9.90 -24.18
N GLU A 279 8.41 -9.77 -25.50
CA GLU A 279 9.31 -8.81 -26.22
C GLU A 279 8.96 -7.36 -25.85
N MET A 280 7.66 -7.06 -25.79
CA MET A 280 7.12 -5.72 -25.43
C MET A 280 7.55 -5.39 -24.00
N ALA A 281 7.44 -6.35 -23.07
CA ALA A 281 7.90 -6.16 -21.68
C ALA A 281 9.41 -5.91 -21.67
N GLU A 282 10.18 -6.60 -22.50
CA GLU A 282 11.65 -6.46 -22.52
C GLU A 282 12.03 -5.06 -23.07
N ASN A 283 11.35 -4.60 -24.14
CA ASN A 283 11.55 -3.23 -24.70
C ASN A 283 11.26 -2.18 -23.63
N ASP A 284 10.14 -2.31 -22.92
CA ASP A 284 9.66 -1.29 -21.95
C ASP A 284 10.56 -1.26 -20.69
N ASN A 285 11.09 -2.38 -20.24
CA ASN A 285 11.74 -2.44 -18.90
C ASN A 285 13.26 -2.52 -19.03
N ARG A 286 13.82 -2.74 -20.23
CA ARG A 286 15.27 -3.03 -20.41
C ARG A 286 15.89 -2.32 -21.62
N TRP A 287 15.48 -2.68 -22.81
CA TRP A 287 16.10 -2.23 -24.08
C TRP A 287 15.99 -0.70 -24.22
N TRP A 288 14.82 -0.13 -23.97
CA TRP A 288 14.62 1.34 -24.12
C TRP A 288 15.77 2.06 -23.38
N PHE A 289 16.14 1.57 -22.20
CA PHE A 289 17.16 2.25 -21.35
C PHE A 289 18.58 2.02 -21.90
N PHE A 290 18.92 0.77 -22.18
CA PHE A 290 20.27 0.39 -22.60
C PHE A 290 20.50 0.89 -24.04
N ASP A 291 19.47 0.90 -24.87
CA ASP A 291 19.62 1.45 -26.24
C ASP A 291 19.94 2.96 -26.16
N ALA A 292 19.46 3.66 -25.15
CA ALA A 292 19.76 5.09 -24.90
C ALA A 292 21.23 5.27 -24.59
N ILE A 293 21.78 4.58 -23.60
CA ILE A 293 23.14 4.88 -23.07
C ILE A 293 24.23 4.11 -23.84
N ILE A 294 23.86 3.19 -24.74
CA ILE A 294 24.81 2.41 -25.57
C ILE A 294 24.72 2.97 -26.99
N ARG A 295 23.52 3.04 -27.55
CA ARG A 295 23.31 3.34 -28.99
C ARG A 295 22.93 4.81 -29.16
N GLY A 296 22.78 5.54 -28.05
CA GLY A 296 22.24 6.92 -28.00
C GLY A 296 20.84 7.05 -28.58
N GLU A 297 20.08 5.97 -28.73
CA GLU A 297 18.70 5.99 -29.30
C GLU A 297 17.68 6.31 -28.21
N ILE A 298 16.82 7.28 -28.46
CA ILE A 298 15.84 7.74 -27.44
C ILE A 298 14.65 8.36 -28.17
N THR A 299 13.52 8.38 -27.48
CA THR A 299 12.27 9.07 -27.88
C THR A 299 12.17 10.33 -27.02
N ARG A 300 12.35 11.50 -27.62
CA ARG A 300 11.89 12.79 -27.05
C ARG A 300 10.82 13.34 -28.01
N GLY A 301 9.77 13.94 -27.46
CA GLY A 301 8.48 14.14 -28.16
C GLY A 301 7.88 12.79 -28.49
N ASN A 302 7.34 12.64 -29.70
CA ASN A 302 6.85 11.33 -30.19
C ASN A 302 7.78 10.87 -31.32
N GLU A 303 9.09 11.16 -31.22
CA GLU A 303 10.08 11.02 -32.34
C GLU A 303 11.31 10.22 -31.90
N LYS A 304 11.79 9.28 -32.73
CA LYS A 304 12.99 8.44 -32.45
C LYS A 304 14.23 9.16 -33.00
N ILE A 305 15.13 9.64 -32.14
CA ILE A 305 16.41 10.33 -32.51
C ILE A 305 17.62 9.63 -31.87
N VAL A 306 18.83 10.06 -32.26
CA VAL A 306 20.12 9.60 -31.69
C VAL A 306 20.80 10.83 -31.08
N ARG A 307 21.06 10.81 -29.78
CA ARG A 307 21.85 11.86 -29.07
C ARG A 307 23.32 11.41 -29.03
N ASP A 308 24.21 12.18 -29.64
CA ASP A 308 25.67 11.86 -29.70
C ASP A 308 26.29 12.00 -28.31
N ASP A 309 25.68 12.76 -27.40
CA ASP A 309 26.20 12.87 -26.02
C ASP A 309 25.79 11.65 -25.14
N LEU A 310 24.93 10.77 -25.67
CA LEU A 310 24.45 9.56 -24.94
C LEU A 310 25.13 8.31 -25.50
N LYS A 311 25.40 8.28 -26.81
CA LYS A 311 25.98 7.10 -27.48
C LYS A 311 27.31 6.70 -26.82
N GLY A 312 27.55 5.39 -26.74
CA GLY A 312 28.80 4.78 -26.27
C GLY A 312 29.13 5.06 -24.81
N ARG A 313 28.18 5.51 -23.98
CA ARG A 313 28.47 5.79 -22.54
C ARG A 313 28.31 4.51 -21.66
N LEU A 314 28.98 3.41 -21.97
CA LEU A 314 28.92 2.16 -21.14
C LEU A 314 29.97 1.14 -21.60
N ASP A 315 30.78 0.64 -20.66
CA ASP A 315 31.86 -0.36 -20.85
C ASP A 315 31.36 -1.72 -20.34
N TRP A 316 30.46 -1.77 -19.34
CA TRP A 316 29.98 -3.08 -18.81
C TRP A 316 28.59 -2.97 -18.18
N ILE A 317 27.86 -4.09 -18.12
CA ILE A 317 26.48 -4.15 -17.56
C ILE A 317 26.48 -4.95 -16.26
N GLY A 318 26.01 -4.33 -15.17
CA GLY A 318 25.75 -5.00 -13.89
C GLY A 318 24.35 -5.56 -13.88
N VAL A 319 24.23 -6.90 -13.84
CA VAL A 319 22.93 -7.61 -13.94
C VAL A 319 22.49 -7.90 -12.51
N ASN A 320 21.42 -7.28 -12.10
CA ASN A 320 20.77 -7.52 -10.79
C ASN A 320 19.56 -8.40 -11.10
N TYR A 321 19.42 -9.55 -10.42
CA TYR A 321 18.38 -10.54 -10.74
C TYR A 321 17.96 -11.24 -9.46
N TYR A 322 16.65 -11.35 -9.25
CA TYR A 322 16.08 -12.21 -8.17
C TYR A 322 14.93 -13.10 -8.66
N THR A 323 14.12 -12.73 -9.65
CA THR A 323 13.00 -13.63 -10.05
C THR A 323 12.43 -13.29 -11.42
N ARG A 324 11.41 -14.02 -11.86
CA ARG A 324 10.76 -13.78 -13.17
C ARG A 324 9.58 -12.84 -13.04
N THR A 325 9.02 -12.43 -14.18
CA THR A 325 7.70 -11.77 -14.26
C THR A 325 6.93 -12.51 -15.35
N VAL A 326 5.77 -13.04 -15.05
CA VAL A 326 4.89 -13.71 -16.04
C VAL A 326 3.96 -12.65 -16.65
N VAL A 327 3.92 -12.59 -17.99
CA VAL A 327 3.10 -11.60 -18.73
C VAL A 327 2.18 -12.33 -19.70
N LYS A 328 1.04 -11.72 -20.01
CA LYS A 328 0.19 -12.14 -21.13
C LYS A 328 -0.11 -10.95 -22.05
N ARG A 329 -0.36 -11.24 -23.32
CA ARG A 329 -0.90 -10.27 -24.31
C ARG A 329 -2.32 -9.89 -23.90
N THR A 330 -2.62 -8.59 -23.97
CA THR A 330 -3.96 -7.92 -23.89
C THR A 330 -4.28 -7.33 -25.27
N GLU A 331 -5.53 -6.86 -25.52
CA GLU A 331 -5.92 -6.03 -26.71
C GLU A 331 -5.01 -4.78 -26.76
N LYS A 332 -4.94 -4.04 -25.66
CA LYS A 332 -4.24 -2.73 -25.53
C LYS A 332 -2.72 -2.90 -25.41
N GLY A 333 -2.19 -4.10 -25.09
CA GLY A 333 -0.74 -4.34 -24.92
C GLY A 333 -0.43 -5.65 -24.19
N TYR A 334 0.08 -5.58 -22.96
CA TYR A 334 0.40 -6.76 -22.09
C TYR A 334 0.20 -6.38 -20.62
N VAL A 335 -0.01 -7.40 -19.77
CA VAL A 335 -0.05 -7.26 -18.29
C VAL A 335 0.83 -8.32 -17.65
N SER A 336 1.37 -7.97 -16.50
CA SER A 336 2.06 -8.85 -15.53
C SER A 336 1.00 -9.64 -14.77
N LEU A 337 1.26 -10.91 -14.40
CA LEU A 337 0.27 -11.67 -13.60
C LEU A 337 0.74 -11.81 -12.16
N GLY A 338 -0.16 -11.50 -11.22
CA GLY A 338 -0.02 -11.79 -9.79
C GLY A 338 0.09 -13.30 -9.57
N GLY A 339 0.70 -13.73 -8.48
CA GLY A 339 0.80 -15.18 -8.14
C GLY A 339 2.07 -15.79 -8.73
N TYR A 340 2.91 -14.99 -9.37
CA TYR A 340 4.21 -15.41 -9.95
C TYR A 340 5.26 -14.32 -9.64
N GLY A 341 6.52 -14.67 -9.77
CA GLY A 341 7.68 -13.76 -9.68
C GLY A 341 7.66 -13.00 -8.38
N HIS A 342 7.61 -11.67 -8.44
CA HIS A 342 7.69 -10.82 -7.21
C HIS A 342 6.31 -10.67 -6.58
N GLY A 343 5.24 -11.07 -7.25
CA GLY A 343 3.86 -10.85 -6.75
C GLY A 343 3.27 -12.07 -6.06
N CYS A 344 4.02 -12.82 -5.22
CA CYS A 344 3.45 -14.03 -4.57
C CYS A 344 3.18 -13.79 -3.08
N GLU A 345 2.45 -14.72 -2.46
CA GLU A 345 2.35 -14.80 -0.98
C GLU A 345 3.73 -15.09 -0.41
N ARG A 346 4.04 -14.53 0.73
CA ARG A 346 5.30 -14.77 1.46
C ARG A 346 5.29 -16.20 2.04
N ASN A 347 6.42 -16.90 2.00
CA ASN A 347 6.59 -18.24 2.65
C ASN A 347 5.45 -19.13 2.17
N SER A 348 5.39 -19.35 0.88
CA SER A 348 4.30 -20.14 0.28
C SER A 348 4.82 -20.76 -1.00
N VAL A 349 3.93 -20.88 -1.95
CA VAL A 349 4.16 -21.44 -3.30
C VAL A 349 3.47 -20.48 -4.28
N SER A 350 4.07 -20.31 -5.44
CA SER A 350 3.51 -19.54 -6.57
C SER A 350 2.38 -20.36 -7.19
N LEU A 351 1.68 -19.77 -8.17
CA LEU A 351 0.69 -20.50 -8.98
C LEU A 351 1.33 -21.64 -9.78
N ALA A 352 2.66 -21.69 -9.95
CA ALA A 352 3.34 -22.78 -10.65
C ALA A 352 3.87 -23.80 -9.64
N GLY A 353 3.58 -23.68 -8.35
CA GLY A 353 4.04 -24.66 -7.33
C GLY A 353 5.46 -24.46 -6.88
N LEU A 354 6.10 -23.32 -7.22
CA LEU A 354 7.52 -23.04 -6.89
C LEU A 354 7.57 -22.31 -5.56
N PRO A 355 8.56 -22.58 -4.69
CA PRO A 355 8.58 -21.97 -3.37
C PRO A 355 8.86 -20.46 -3.44
N THR A 356 8.26 -19.69 -2.53
CA THR A 356 8.45 -18.24 -2.43
C THR A 356 9.26 -17.92 -1.18
N SER A 357 9.96 -16.80 -1.22
CA SER A 357 10.90 -16.33 -0.16
C SER A 357 10.14 -15.67 0.99
N ASP A 358 10.86 -15.18 1.98
CA ASP A 358 10.28 -14.37 3.10
C ASP A 358 9.65 -13.08 2.57
N PHE A 359 9.97 -12.69 1.34
CA PHE A 359 9.49 -11.46 0.67
C PHE A 359 8.41 -11.78 -0.36
N GLY A 360 8.08 -13.05 -0.60
CA GLY A 360 7.03 -13.43 -1.57
C GLY A 360 7.57 -13.48 -2.99
N TRP A 361 8.85 -13.74 -3.17
CA TRP A 361 9.49 -13.85 -4.51
C TRP A 361 9.68 -15.33 -4.87
N GLU A 362 9.21 -15.70 -6.05
CA GLU A 362 9.26 -17.08 -6.61
C GLU A 362 10.68 -17.49 -6.99
N PHE A 363 11.06 -18.73 -6.67
CA PHE A 363 12.31 -19.44 -7.05
C PHE A 363 12.31 -19.71 -8.56
N PHE A 364 13.18 -19.05 -9.32
CA PHE A 364 13.22 -19.18 -10.80
C PHE A 364 14.61 -18.88 -11.33
N PRO A 365 15.60 -19.72 -10.99
CA PRO A 365 16.97 -19.45 -11.38
C PRO A 365 17.18 -19.39 -12.91
N GLU A 366 16.37 -20.09 -13.70
CA GLU A 366 16.67 -20.13 -15.15
C GLU A 366 16.48 -18.72 -15.73
N GLY A 367 15.72 -17.87 -15.07
CA GLY A 367 15.58 -16.46 -15.50
C GLY A 367 16.92 -15.75 -15.64
N LEU A 368 17.90 -16.12 -14.80
CA LEU A 368 19.22 -15.45 -14.78
C LEU A 368 19.99 -15.80 -16.05
N TYR A 369 19.84 -17.02 -16.55
CA TYR A 369 20.42 -17.45 -17.85
C TYR A 369 19.77 -16.67 -19.00
N ASP A 370 18.44 -16.51 -18.94
CA ASP A 370 17.65 -15.73 -19.91
C ASP A 370 18.22 -14.32 -19.99
N VAL A 371 18.38 -13.65 -18.85
CA VAL A 371 18.74 -12.20 -18.81
C VAL A 371 20.19 -12.04 -19.30
N LEU A 372 21.12 -12.86 -18.78
CA LEU A 372 22.56 -12.75 -19.16
C LEU A 372 22.73 -12.98 -20.68
N THR A 373 22.08 -13.98 -21.25
CA THR A 373 22.26 -14.35 -22.67
C THR A 373 21.55 -13.30 -23.53
N LYS A 374 20.40 -12.75 -23.11
CA LYS A 374 19.72 -11.70 -23.91
C LYS A 374 20.53 -10.41 -23.97
N TYR A 375 21.18 -10.00 -22.88
CA TYR A 375 22.07 -8.83 -22.84
C TYR A 375 23.25 -9.09 -23.79
N TRP A 376 23.78 -10.29 -23.73
CA TRP A 376 25.03 -10.62 -24.45
C TRP A 376 24.73 -10.55 -25.95
N ASN A 377 23.67 -11.20 -26.38
CA ASN A 377 23.28 -11.28 -27.80
C ASN A 377 22.91 -9.88 -28.32
N ARG A 378 22.37 -8.98 -27.50
CA ARG A 378 21.97 -7.65 -28.03
C ARG A 378 23.20 -6.72 -28.13
N TYR A 379 24.09 -6.68 -27.14
CA TYR A 379 25.09 -5.60 -26.97
C TYR A 379 26.53 -6.13 -26.97
N HIS A 380 26.74 -7.42 -26.73
CA HIS A 380 28.09 -8.02 -26.57
C HIS A 380 28.97 -7.16 -25.67
N LEU A 381 28.43 -6.58 -24.60
CA LEU A 381 29.26 -6.01 -23.52
C LEU A 381 29.42 -7.05 -22.39
N TYR A 382 30.59 -7.08 -21.76
CA TYR A 382 30.85 -8.02 -20.64
C TYR A 382 29.95 -7.61 -19.46
N MET A 383 29.63 -8.56 -18.57
CA MET A 383 28.70 -8.39 -17.45
C MET A 383 29.32 -8.93 -16.16
N TYR A 384 28.89 -8.37 -15.05
CA TYR A 384 28.98 -8.96 -13.70
C TYR A 384 27.54 -9.24 -13.27
N VAL A 385 27.29 -10.34 -12.56
CA VAL A 385 26.05 -10.47 -11.75
C VAL A 385 26.27 -9.65 -10.49
N THR A 386 25.75 -8.43 -10.46
CA THR A 386 26.09 -7.47 -9.41
C THR A 386 25.16 -7.69 -8.21
N GLU A 387 24.12 -8.52 -8.37
CA GLU A 387 23.15 -8.76 -7.27
C GLU A 387 22.27 -9.99 -7.54
N ASN A 388 22.18 -10.86 -6.55
CA ASN A 388 21.38 -12.11 -6.56
C ASN A 388 21.31 -12.65 -5.13
N GLY A 389 20.11 -12.80 -4.63
CA GLY A 389 19.92 -13.32 -3.27
C GLY A 389 18.47 -13.49 -2.93
N ILE A 390 18.23 -13.83 -1.68
CA ILE A 390 16.89 -14.21 -1.21
C ILE A 390 16.73 -13.75 0.23
N ALA A 391 15.53 -13.29 0.56
CA ALA A 391 15.12 -13.04 1.95
C ALA A 391 14.79 -14.42 2.56
N ASP A 392 15.56 -14.80 3.59
CA ASP A 392 15.52 -16.18 4.14
C ASP A 392 16.31 -16.21 5.44
N ASP A 393 15.67 -15.77 6.52
CA ASP A 393 16.36 -15.68 7.84
C ASP A 393 16.73 -17.09 8.30
N ALA A 394 15.84 -18.07 8.06
CA ALA A 394 16.00 -19.47 8.55
C ALA A 394 17.13 -20.19 7.83
N ASP A 395 17.40 -19.78 6.57
CA ASP A 395 18.40 -20.36 5.66
C ASP A 395 17.86 -21.65 5.01
N TYR A 396 16.54 -21.81 4.91
CA TYR A 396 15.95 -23.07 4.38
C TYR A 396 16.24 -23.17 2.88
N GLN A 397 15.99 -22.07 2.17
CA GLN A 397 16.04 -22.02 0.69
C GLN A 397 17.37 -21.53 0.14
N ARG A 398 18.12 -20.72 0.90
CA ARG A 398 19.33 -20.03 0.39
C ARG A 398 20.35 -21.00 -0.22
N PRO A 399 20.68 -22.17 0.40
CA PRO A 399 21.67 -23.04 -0.23
C PRO A 399 21.30 -23.47 -1.66
N TYR A 400 20.04 -23.85 -1.88
CA TYR A 400 19.47 -24.19 -3.20
C TYR A 400 19.55 -22.94 -4.10
N TYR A 401 19.13 -21.77 -3.55
CA TYR A 401 19.04 -20.50 -4.32
C TYR A 401 20.45 -20.17 -4.84
N LEU A 402 21.42 -20.16 -3.93
CA LEU A 402 22.84 -19.84 -4.24
C LEU A 402 23.38 -20.80 -5.29
N VAL A 403 23.34 -22.10 -5.04
CA VAL A 403 23.95 -23.04 -6.02
C VAL A 403 23.22 -23.00 -7.38
N SER A 404 21.90 -23.00 -7.39
CA SER A 404 21.09 -22.96 -8.64
C SER A 404 21.47 -21.71 -9.46
N HIS A 405 21.61 -20.54 -8.84
CA HIS A 405 21.84 -19.28 -9.61
C HIS A 405 23.27 -19.28 -10.15
N VAL A 406 24.21 -19.75 -9.34
CA VAL A 406 25.64 -19.89 -9.75
C VAL A 406 25.71 -20.85 -10.94
N TYR A 407 24.96 -21.97 -10.92
CA TYR A 407 24.92 -22.91 -12.07
C TYR A 407 24.45 -22.15 -13.32
N GLN A 408 23.46 -21.27 -13.19
CA GLN A 408 22.88 -20.61 -14.40
C GLN A 408 23.93 -19.64 -14.98
N VAL A 409 24.74 -19.00 -14.14
CA VAL A 409 25.87 -18.17 -14.63
C VAL A 409 26.88 -19.04 -15.39
N HIS A 410 27.22 -20.21 -14.85
CA HIS A 410 28.08 -21.22 -15.55
C HIS A 410 27.45 -21.61 -16.89
N ARG A 411 26.14 -21.78 -16.93
CA ARG A 411 25.42 -22.07 -18.18
C ARG A 411 25.58 -20.88 -19.15
N ALA A 412 25.46 -19.65 -18.68
CA ALA A 412 25.58 -18.46 -19.57
C ALA A 412 27.00 -18.43 -20.18
N ILE A 413 28.03 -18.60 -19.33
CA ILE A 413 29.44 -18.50 -19.78
C ILE A 413 29.67 -19.58 -20.85
N ASN A 414 29.12 -20.76 -20.62
CA ASN A 414 29.28 -21.95 -21.48
C ASN A 414 28.63 -21.63 -22.83
N SER A 415 27.51 -20.91 -22.84
CA SER A 415 26.82 -20.41 -24.06
C SER A 415 27.63 -19.36 -24.84
N GLY A 416 28.66 -18.76 -24.25
CA GLY A 416 29.54 -17.79 -24.93
C GLY A 416 29.54 -16.41 -24.26
N ALA A 417 28.64 -16.17 -23.29
CA ALA A 417 28.43 -14.84 -22.66
C ALA A 417 29.63 -14.54 -21.78
N ASP A 418 30.13 -13.31 -21.86
CA ASP A 418 31.30 -12.85 -21.08
C ASP A 418 30.78 -12.31 -19.73
N VAL A 419 30.84 -13.14 -18.70
CA VAL A 419 30.40 -12.81 -17.31
C VAL A 419 31.59 -13.07 -16.42
N ARG A 420 31.99 -12.09 -15.63
CA ARG A 420 33.34 -12.05 -15.03
C ARG A 420 33.23 -12.17 -13.53
N GLY A 421 32.01 -12.26 -13.01
CA GLY A 421 31.89 -12.44 -11.57
C GLY A 421 30.46 -12.59 -11.13
N TYR A 422 30.31 -13.03 -9.88
CA TYR A 422 28.98 -13.25 -9.25
C TYR A 422 29.10 -12.64 -7.87
N LEU A 423 28.25 -11.67 -7.59
CA LEU A 423 28.23 -10.94 -6.32
C LEU A 423 26.86 -11.16 -5.68
N HIS A 424 26.85 -11.86 -4.55
CA HIS A 424 25.63 -12.25 -3.82
C HIS A 424 25.11 -11.03 -3.09
N TRP A 425 23.80 -10.88 -3.06
CA TRP A 425 23.14 -9.93 -2.16
C TRP A 425 22.62 -10.73 -0.96
N SER A 426 23.25 -10.60 0.20
CA SER A 426 24.43 -9.80 0.45
C SER A 426 25.32 -10.56 1.43
N LEU A 427 26.45 -9.99 1.87
CA LEU A 427 27.37 -10.69 2.80
C LEU A 427 26.63 -10.89 4.13
N ALA A 428 25.99 -9.82 4.61
CA ALA A 428 25.28 -9.75 5.91
C ALA A 428 23.89 -9.14 5.70
N ASP A 429 22.98 -9.45 6.63
CA ASP A 429 21.64 -8.83 6.74
C ASP A 429 21.84 -7.31 6.78
N ASN A 430 20.83 -6.57 6.36
CA ASN A 430 20.88 -5.09 6.27
C ASN A 430 19.45 -4.51 6.27
N TYR A 431 19.36 -3.18 6.20
CA TYR A 431 18.11 -2.42 6.25
C TYR A 431 17.40 -2.54 4.91
N GLU A 432 16.29 -3.28 4.85
CA GLU A 432 15.58 -3.53 3.57
C GLU A 432 14.59 -2.39 3.34
N TRP A 433 15.11 -1.17 3.23
CA TRP A 433 14.33 -0.02 2.73
C TRP A 433 13.04 0.13 3.55
N ALA A 434 11.88 0.23 2.92
CA ALA A 434 10.60 0.51 3.59
C ALA A 434 10.15 -0.70 4.46
N SER A 435 10.67 -1.89 4.20
CA SER A 435 10.40 -3.17 4.92
C SER A 435 11.17 -3.23 6.23
N GLY A 436 12.26 -2.46 6.35
CA GLY A 436 13.08 -2.46 7.56
C GLY A 436 13.91 -3.72 7.68
N PHE A 437 14.12 -4.23 8.91
CA PHE A 437 15.18 -5.25 9.15
C PHE A 437 14.65 -6.70 9.00
N SER A 438 13.34 -6.91 8.90
CA SER A 438 12.66 -8.25 8.93
C SER A 438 13.12 -9.09 7.72
N MET A 439 13.44 -8.46 6.58
CA MET A 439 13.85 -9.13 5.35
C MET A 439 15.37 -9.31 5.39
N ARG A 440 15.83 -10.54 5.62
CA ARG A 440 17.24 -10.83 5.94
C ARG A 440 17.84 -11.57 4.76
N PHE A 441 18.72 -10.89 4.03
CA PHE A 441 19.34 -11.35 2.76
C PHE A 441 20.76 -11.90 2.94
N GLY A 442 21.30 -11.87 4.16
CA GLY A 442 22.72 -12.13 4.34
C GLY A 442 23.08 -13.63 4.25
N LEU A 443 24.26 -13.91 3.72
CA LEU A 443 24.99 -15.17 3.99
C LEU A 443 25.32 -15.25 5.48
N LEU A 444 25.52 -14.07 6.08
CA LEU A 444 25.76 -13.92 7.54
C LEU A 444 24.56 -13.28 8.21
N LYS A 445 24.12 -13.87 9.32
CA LYS A 445 23.00 -13.38 10.12
C LYS A 445 23.59 -12.27 10.99
N VAL A 446 22.84 -11.20 11.18
CA VAL A 446 23.26 -10.07 12.04
C VAL A 446 22.37 -10.11 13.27
N ASP A 447 22.95 -10.22 14.46
CA ASP A 447 22.22 -9.90 15.70
C ASP A 447 22.25 -8.36 15.84
N TYR A 448 21.13 -7.67 15.73
CA TYR A 448 21.14 -6.19 15.67
C TYR A 448 21.41 -5.61 17.08
N ASN A 449 21.19 -6.37 18.14
CA ASN A 449 21.44 -5.91 19.52
C ASN A 449 22.94 -5.74 19.69
N THR A 450 23.77 -6.64 19.14
CA THR A 450 25.22 -6.71 19.42
C THR A 450 26.05 -6.39 18.18
N LYS A 451 25.44 -6.40 16.97
CA LYS A 451 26.16 -6.28 15.68
C LYS A 451 27.03 -7.51 15.40
N ARG A 452 26.87 -8.59 16.15
CA ARG A 452 27.70 -9.81 15.91
C ARG A 452 27.20 -10.45 14.61
N LEU A 453 28.10 -10.99 13.79
CA LEU A 453 27.79 -11.77 12.58
C LEU A 453 27.92 -13.28 12.85
N TYR A 454 26.99 -14.06 12.31
CA TYR A 454 26.98 -15.54 12.33
C TYR A 454 26.91 -16.11 10.91
N TRP A 455 27.56 -17.26 10.73
CA TRP A 455 27.65 -17.97 9.43
C TRP A 455 26.40 -18.84 9.31
N ARG A 456 25.46 -18.44 8.44
CA ARG A 456 24.38 -19.38 8.04
C ARG A 456 25.06 -20.47 7.25
N PRO A 457 24.51 -21.70 7.26
CA PRO A 457 25.12 -22.80 6.51
C PRO A 457 25.36 -22.45 5.04
N SER A 458 24.51 -21.61 4.43
CA SER A 458 24.70 -21.20 3.03
C SER A 458 26.04 -20.43 2.87
N ALA A 459 26.54 -19.75 3.92
CA ALA A 459 27.89 -19.14 3.94
C ALA A 459 28.98 -20.23 3.80
N LEU A 460 28.81 -21.36 4.49
CA LEU A 460 29.77 -22.50 4.39
C LEU A 460 29.70 -23.04 2.97
N VAL A 461 28.51 -23.09 2.37
CA VAL A 461 28.34 -23.58 0.97
C VAL A 461 29.04 -22.59 0.01
N TYR A 462 28.89 -21.29 0.23
CA TYR A 462 29.48 -20.28 -0.70
C TYR A 462 31.01 -20.35 -0.62
N ARG A 463 31.56 -20.58 0.56
CA ARG A 463 33.01 -20.77 0.78
C ARG A 463 33.51 -21.96 -0.05
N GLU A 464 32.74 -23.04 -0.11
CA GLU A 464 33.09 -24.19 -0.97
C GLU A 464 33.19 -23.67 -2.39
N ILE A 465 32.20 -22.89 -2.83
CA ILE A 465 32.16 -22.43 -4.24
C ILE A 465 33.36 -21.52 -4.50
N ALA A 466 33.56 -20.51 -3.65
CA ALA A 466 34.53 -19.42 -3.91
C ALA A 466 35.97 -19.96 -3.81
N THR A 467 36.30 -20.78 -2.80
CA THR A 467 37.66 -21.31 -2.59
C THR A 467 37.99 -22.34 -3.69
N ASN A 468 37.02 -22.99 -4.31
CA ASN A 468 37.28 -23.94 -5.41
C ASN A 468 37.08 -23.29 -6.77
N GLY A 469 36.46 -22.12 -6.88
CA GLY A 469 36.17 -21.58 -8.22
C GLY A 469 35.24 -22.51 -8.96
N ALA A 470 34.34 -23.18 -8.24
CA ALA A 470 33.42 -24.14 -8.88
C ALA A 470 32.26 -24.54 -7.97
N ILE A 471 31.16 -24.99 -8.56
CA ILE A 471 30.20 -25.84 -7.81
C ILE A 471 30.84 -27.22 -7.72
N THR A 472 31.25 -27.65 -6.54
CA THR A 472 32.00 -28.92 -6.36
C THR A 472 31.00 -30.06 -6.53
N ASP A 473 31.52 -31.23 -6.88
CA ASP A 473 30.74 -32.50 -6.90
C ASP A 473 29.92 -32.64 -5.61
N GLU A 474 30.47 -32.31 -4.45
CA GLU A 474 29.81 -32.63 -3.16
C GLU A 474 28.55 -31.76 -2.95
N ILE A 475 28.39 -30.60 -3.62
CA ILE A 475 27.23 -29.70 -3.34
C ILE A 475 26.35 -29.58 -4.58
N GLU A 476 26.57 -30.43 -5.57
CA GLU A 476 25.91 -30.30 -6.89
C GLU A 476 24.41 -30.58 -6.78
N HIS A 477 23.98 -31.34 -5.77
CA HIS A 477 22.55 -31.67 -5.58
C HIS A 477 21.78 -30.39 -5.24
N LEU A 478 22.45 -29.37 -4.73
CA LEU A 478 21.73 -28.11 -4.35
C LEU A 478 21.36 -27.31 -5.60
N ASN A 479 21.82 -27.72 -6.78
CA ASN A 479 21.34 -27.16 -8.07
C ASN A 479 19.93 -27.72 -8.33
N SER A 480 18.91 -27.35 -7.55
CA SER A 480 17.57 -27.94 -7.61
C SER A 480 16.62 -27.03 -6.84
N VAL A 481 15.33 -27.30 -6.90
CA VAL A 481 14.29 -26.47 -6.24
C VAL A 481 14.14 -26.93 -4.80
N PRO A 482 14.14 -26.01 -3.81
CA PRO A 482 13.85 -26.38 -2.43
C PRO A 482 12.62 -27.26 -2.37
N PRO A 483 12.65 -28.42 -1.66
CA PRO A 483 11.46 -29.26 -1.60
C PRO A 483 10.35 -28.45 -0.92
N VAL A 484 9.18 -28.38 -1.55
CA VAL A 484 8.04 -27.58 -1.03
C VAL A 484 7.24 -28.38 0.00
N LYS A 485 7.26 -29.74 -0.02
CA LYS A 485 6.37 -30.53 0.87
C LYS A 485 6.64 -30.11 2.33
N PRO A 486 7.89 -29.96 2.81
CA PRO A 486 8.10 -29.54 4.20
C PRO A 486 7.93 -28.04 4.52
N LEU A 487 7.78 -27.20 3.49
CA LEU A 487 7.65 -25.74 3.65
C LEU A 487 6.19 -25.37 3.75
N ARG A 488 5.93 -24.17 4.25
CA ARG A 488 4.56 -23.62 4.29
C ARG A 488 4.00 -23.53 2.86
N HIS A 489 2.71 -23.86 2.71
CA HIS A 489 1.81 -23.47 1.59
C HIS A 489 0.79 -22.45 2.16
N MET B 1 -32.43 -22.76 23.22
CA MET B 1 -33.00 -21.48 22.73
C MET B 1 -32.09 -20.36 23.25
N TYR B 2 -31.82 -19.35 22.43
CA TYR B 2 -31.45 -17.98 22.86
C TYR B 2 -32.50 -17.07 22.21
N SER B 3 -33.46 -16.62 23.00
CA SER B 3 -34.71 -15.99 22.52
C SER B 3 -34.55 -14.46 22.52
N PHE B 4 -35.07 -13.83 21.49
CA PHE B 4 -35.00 -12.36 21.31
C PHE B 4 -36.38 -11.78 21.65
N PRO B 5 -36.45 -10.57 22.22
CA PRO B 5 -37.71 -9.85 22.37
C PRO B 5 -38.57 -9.95 21.10
N ASN B 6 -39.89 -10.00 21.25
CA ASN B 6 -40.87 -10.14 20.13
C ASN B 6 -40.74 -8.93 19.17
N SER B 7 -40.21 -7.80 19.63
CA SER B 7 -40.07 -6.55 18.83
C SER B 7 -38.76 -6.56 18.01
N PHE B 8 -37.76 -7.33 18.43
CA PHE B 8 -36.41 -7.34 17.82
C PHE B 8 -36.50 -7.76 16.35
N ARG B 9 -35.72 -7.12 15.49
CA ARG B 9 -35.76 -7.39 14.04
C ARG B 9 -34.40 -7.90 13.55
N PHE B 10 -34.45 -8.94 12.71
CA PHE B 10 -33.29 -9.53 12.00
C PHE B 10 -33.37 -9.07 10.54
N GLY B 11 -32.28 -8.54 10.02
CA GLY B 11 -32.25 -8.19 8.60
C GLY B 11 -30.85 -7.97 8.07
N TRP B 12 -30.73 -7.00 7.18
CA TRP B 12 -29.45 -6.78 6.47
C TRP B 12 -29.25 -5.30 6.14
N SER B 13 -27.99 -4.96 5.93
CA SER B 13 -27.49 -3.67 5.43
C SER B 13 -26.84 -3.86 4.04
N GLN B 14 -26.92 -2.80 3.24
CA GLN B 14 -26.50 -2.74 1.83
C GLN B 14 -26.15 -1.28 1.46
N ALA B 15 -25.17 -1.05 0.57
CA ALA B 15 -24.76 0.29 0.10
C ALA B 15 -25.15 0.44 -1.37
N GLY B 16 -25.54 1.65 -1.80
CA GLY B 16 -25.89 1.91 -3.22
C GLY B 16 -24.71 1.59 -4.16
N PHE B 17 -23.56 2.16 -3.91
CA PHE B 17 -22.39 2.03 -4.81
C PHE B 17 -21.96 0.55 -4.92
N GLN B 18 -22.00 -0.20 -3.81
CA GLN B 18 -21.47 -1.59 -3.76
C GLN B 18 -22.47 -2.53 -4.45
N SER B 19 -23.78 -2.26 -4.42
CA SER B 19 -24.82 -3.23 -4.86
C SER B 19 -25.67 -2.75 -6.06
N GLU B 20 -25.82 -1.44 -6.34
CA GLU B 20 -26.84 -0.99 -7.36
C GLU B 20 -26.45 -1.41 -8.78
N MET B 21 -25.23 -1.13 -9.20
CA MET B 21 -24.86 -1.23 -10.64
C MET B 21 -24.67 -2.70 -11.05
N GLY B 22 -24.91 -3.00 -12.33
CA GLY B 22 -24.65 -4.30 -12.94
C GLY B 22 -25.69 -4.63 -13.99
N THR B 23 -26.89 -4.01 -13.91
CA THR B 23 -28.06 -4.20 -14.83
C THR B 23 -28.10 -3.06 -15.85
N PRO B 24 -28.59 -3.28 -17.09
CA PRO B 24 -28.59 -2.23 -18.10
C PRO B 24 -29.27 -0.97 -17.55
N GLY B 25 -28.62 0.17 -17.76
CA GLY B 25 -29.18 1.50 -17.48
C GLY B 25 -28.96 1.93 -16.05
N SER B 26 -28.19 1.18 -15.26
CA SER B 26 -28.00 1.43 -13.81
C SER B 26 -26.74 2.26 -13.56
N GLU B 27 -25.92 2.49 -14.57
CA GLU B 27 -24.58 3.11 -14.37
C GLU B 27 -24.73 4.51 -13.75
N ASP B 28 -23.92 4.80 -12.74
CA ASP B 28 -23.76 6.13 -12.11
C ASP B 28 -22.29 6.49 -12.14
N PRO B 29 -21.86 7.20 -13.22
CA PRO B 29 -20.46 7.57 -13.37
C PRO B 29 -20.02 8.83 -12.61
N ASN B 30 -20.91 9.41 -11.78
CA ASN B 30 -20.77 10.81 -11.30
C ASN B 30 -20.34 10.91 -9.84
N THR B 31 -19.54 9.95 -9.35
CA THR B 31 -18.97 9.99 -7.98
C THR B 31 -17.47 10.11 -8.00
N ASP B 32 -16.94 10.59 -6.88
CA ASP B 32 -15.51 10.54 -6.58
C ASP B 32 -15.11 9.06 -6.65
N TRP B 33 -15.91 8.15 -6.07
CA TRP B 33 -15.50 6.72 -5.97
C TRP B 33 -15.45 6.11 -7.39
N TYR B 34 -16.38 6.43 -8.26
CA TYR B 34 -16.39 5.89 -9.63
C TYR B 34 -15.11 6.31 -10.33
N LYS B 35 -14.78 7.60 -10.27
CA LYS B 35 -13.58 8.13 -10.97
C LYS B 35 -12.33 7.48 -10.38
N TRP B 36 -12.29 7.38 -9.04
CA TRP B 36 -11.16 6.79 -8.28
C TRP B 36 -10.83 5.38 -8.78
N VAL B 37 -11.84 4.53 -8.93
CA VAL B 37 -11.63 3.09 -9.24
C VAL B 37 -11.35 2.91 -10.74
N HIS B 38 -11.64 3.91 -11.58
CA HIS B 38 -11.31 3.86 -13.02
C HIS B 38 -9.99 4.54 -13.33
N ASP B 39 -9.29 5.11 -12.35
CA ASP B 39 -8.11 5.96 -12.60
C ASP B 39 -6.94 5.07 -13.07
N PRO B 40 -6.32 5.34 -14.24
CA PRO B 40 -5.21 4.52 -14.74
C PRO B 40 -4.02 4.50 -13.78
N GLU B 41 -3.68 5.66 -13.19
CA GLU B 41 -2.55 5.71 -12.23
C GLU B 41 -2.89 4.87 -10.99
N ASN B 42 -4.12 4.96 -10.45
CA ASN B 42 -4.48 4.16 -9.24
C ASN B 42 -4.41 2.65 -9.60
N MET B 43 -4.87 2.26 -10.78
CA MET B 43 -4.85 0.86 -11.24
C MET B 43 -3.40 0.39 -11.36
N ALA B 44 -2.50 1.18 -11.98
CA ALA B 44 -1.09 0.80 -12.19
C ALA B 44 -0.39 0.69 -10.84
N ALA B 45 -0.83 1.45 -9.84
CA ALA B 45 -0.21 1.43 -8.49
C ALA B 45 -0.74 0.25 -7.64
N GLY B 46 -1.79 -0.43 -8.09
CA GLY B 46 -2.42 -1.48 -7.28
C GLY B 46 -3.17 -0.89 -6.10
N LEU B 47 -3.45 0.43 -6.09
CA LEU B 47 -4.28 1.07 -5.02
C LEU B 47 -5.72 0.56 -5.11
N VAL B 48 -6.15 0.33 -6.34
CA VAL B 48 -7.50 -0.20 -6.64
C VAL B 48 -7.26 -1.49 -7.45
N SER B 49 -8.24 -2.37 -7.40
CA SER B 49 -8.16 -3.79 -7.85
C SER B 49 -8.17 -3.85 -9.37
N GLY B 50 -8.86 -2.91 -10.02
CA GLY B 50 -9.10 -2.97 -11.47
C GLY B 50 -10.48 -3.50 -11.76
N ASP B 51 -11.17 -4.06 -10.77
CA ASP B 51 -12.60 -4.42 -10.92
C ASP B 51 -13.39 -3.11 -10.92
N LEU B 52 -14.50 -3.06 -11.67
CA LEU B 52 -15.32 -1.86 -11.89
C LEU B 52 -16.74 -2.10 -11.38
N PRO B 53 -17.34 -1.12 -10.66
CA PRO B 53 -18.66 -1.29 -10.05
C PRO B 53 -19.81 -1.51 -11.03
N GLU B 54 -19.66 -1.03 -12.29
CA GLU B 54 -20.74 -1.18 -13.30
C GLU B 54 -20.90 -2.67 -13.65
N ASN B 55 -19.99 -3.54 -13.21
CA ASN B 55 -20.12 -5.01 -13.42
C ASN B 55 -20.66 -5.70 -12.17
N GLY B 56 -21.31 -4.95 -11.28
CA GLY B 56 -21.72 -5.41 -9.94
C GLY B 56 -22.98 -6.27 -9.93
N PRO B 57 -23.58 -6.47 -8.74
CA PRO B 57 -24.67 -7.44 -8.59
C PRO B 57 -26.07 -7.00 -9.09
N GLY B 58 -26.22 -5.73 -9.45
CA GLY B 58 -27.41 -5.27 -10.18
C GLY B 58 -28.67 -5.12 -9.35
N TYR B 59 -28.55 -4.64 -8.11
CA TYR B 59 -29.73 -4.35 -7.27
C TYR B 59 -30.64 -3.30 -7.96
N TRP B 60 -30.06 -2.31 -8.64
CA TRP B 60 -30.86 -1.26 -9.35
C TRP B 60 -31.94 -1.92 -10.17
N GLY B 61 -31.59 -2.93 -10.95
CA GLY B 61 -32.52 -3.67 -11.83
C GLY B 61 -33.20 -4.87 -11.17
N ASN B 62 -32.57 -5.57 -10.21
CA ASN B 62 -33.05 -6.90 -9.72
C ASN B 62 -33.53 -6.86 -8.28
N TYR B 63 -33.76 -5.66 -7.75
CA TYR B 63 -34.14 -5.40 -6.34
C TYR B 63 -35.29 -6.31 -5.89
N LYS B 64 -36.24 -6.67 -6.78
CA LYS B 64 -37.43 -7.52 -6.46
C LYS B 64 -36.98 -8.94 -6.10
N THR B 65 -35.98 -9.47 -6.82
CA THR B 65 -35.32 -10.78 -6.53
C THR B 65 -34.61 -10.70 -5.17
N PHE B 66 -33.87 -9.64 -4.88
CA PHE B 66 -33.17 -9.46 -3.58
C PHE B 66 -34.22 -9.53 -2.47
N HIS B 67 -35.34 -8.84 -2.69
CA HIS B 67 -36.44 -8.71 -1.69
C HIS B 67 -37.14 -10.07 -1.51
N ASP B 68 -37.35 -10.83 -2.58
CA ASP B 68 -38.02 -12.17 -2.52
C ASP B 68 -37.20 -13.06 -1.57
N ASN B 69 -35.88 -13.04 -1.75
CA ASN B 69 -34.90 -13.87 -1.03
C ASN B 69 -34.92 -13.47 0.43
N ALA B 70 -34.94 -12.17 0.71
CA ALA B 70 -34.93 -11.62 2.08
C ALA B 70 -36.23 -11.98 2.80
N GLN B 71 -37.38 -11.91 2.10
CA GLN B 71 -38.70 -12.27 2.67
C GLN B 71 -38.70 -13.76 3.01
N LYS B 72 -38.24 -14.60 2.08
CA LYS B 72 -38.11 -16.08 2.22
C LYS B 72 -37.17 -16.40 3.39
N MET B 73 -36.21 -15.53 3.66
CA MET B 73 -35.22 -15.73 4.74
C MET B 73 -35.80 -15.25 6.06
N GLY B 74 -37.01 -14.68 6.04
CA GLY B 74 -37.70 -14.21 7.27
C GLY B 74 -37.16 -12.90 7.81
N LEU B 75 -36.46 -12.11 7.00
CA LEU B 75 -35.90 -10.82 7.48
C LEU B 75 -37.03 -9.80 7.64
N LYS B 76 -36.91 -8.89 8.58
CA LYS B 76 -37.98 -7.89 8.86
C LYS B 76 -37.41 -6.46 8.96
N ILE B 77 -36.14 -6.26 8.59
CA ILE B 77 -35.52 -4.91 8.63
C ILE B 77 -34.42 -4.83 7.56
N ALA B 78 -34.26 -3.63 6.99
CA ALA B 78 -33.26 -3.35 5.93
C ALA B 78 -32.77 -1.93 6.11
N ARG B 79 -31.48 -1.73 5.93
CA ARG B 79 -30.82 -0.42 5.92
C ARG B 79 -30.04 -0.29 4.62
N LEU B 80 -30.45 0.68 3.81
CA LEU B 80 -29.91 0.99 2.44
C LEU B 80 -29.61 2.49 2.47
N ASN B 81 -28.83 2.99 1.52
CA ASN B 81 -28.72 4.46 1.30
C ASN B 81 -29.24 4.80 -0.10
N VAL B 82 -29.57 6.09 -0.25
CA VAL B 82 -29.67 6.77 -1.57
C VAL B 82 -28.28 7.31 -1.90
N GLU B 83 -27.90 7.22 -3.17
CA GLU B 83 -26.65 7.82 -3.67
C GLU B 83 -26.97 9.28 -4.09
N TRP B 84 -26.40 10.22 -3.35
CA TRP B 84 -26.43 11.69 -3.58
C TRP B 84 -26.23 12.00 -5.06
N SER B 85 -25.19 11.42 -5.67
CA SER B 85 -24.81 11.57 -7.10
C SER B 85 -25.97 11.27 -8.05
N ARG B 86 -26.83 10.31 -7.72
CA ARG B 86 -27.89 9.90 -8.66
C ARG B 86 -29.02 10.94 -8.62
N ILE B 87 -29.18 11.64 -7.50
CA ILE B 87 -30.28 12.63 -7.29
C ILE B 87 -29.77 13.97 -7.84
N PHE B 88 -28.57 14.38 -7.47
CA PHE B 88 -27.97 15.68 -7.91
C PHE B 88 -26.69 15.39 -8.67
N PRO B 89 -26.78 14.89 -9.92
CA PRO B 89 -25.57 14.66 -10.71
C PRO B 89 -24.90 15.95 -11.22
N ASN B 90 -25.66 17.06 -11.27
CA ASN B 90 -25.17 18.40 -11.71
C ASN B 90 -25.05 19.33 -10.50
N PRO B 91 -24.18 20.35 -10.53
CA PRO B 91 -24.02 21.23 -9.39
C PRO B 91 -25.31 22.02 -9.12
N LEU B 92 -25.48 22.43 -7.88
CA LEU B 92 -26.60 23.28 -7.44
C LEU B 92 -26.07 24.70 -7.46
N PRO B 93 -26.97 25.72 -7.48
CA PRO B 93 -26.53 27.11 -7.42
C PRO B 93 -25.69 27.38 -6.15
N ARG B 94 -24.65 28.21 -6.23
CA ARG B 94 -23.85 28.66 -5.05
C ARG B 94 -24.88 29.25 -4.09
N PRO B 95 -24.80 28.99 -2.77
CA PRO B 95 -25.85 29.47 -1.87
C PRO B 95 -25.60 30.89 -1.37
N GLN B 96 -26.65 31.71 -1.33
CA GLN B 96 -26.60 33.11 -0.82
C GLN B 96 -26.46 33.05 0.70
N ASN B 97 -25.99 34.13 1.33
CA ASN B 97 -25.73 34.15 2.79
C ASN B 97 -25.01 32.83 3.13
N PHE B 98 -23.74 32.71 2.71
CA PHE B 98 -22.82 31.59 3.07
C PHE B 98 -21.35 31.96 2.79
N ASP B 99 -20.56 32.02 3.86
CA ASP B 99 -19.13 32.41 3.90
C ASP B 99 -18.25 31.15 4.04
N GLU B 100 -17.58 30.72 2.95
CA GLU B 100 -16.84 29.42 2.92
C GLU B 100 -15.57 29.50 3.80
N SER B 101 -15.09 30.70 4.14
CA SER B 101 -13.86 30.90 4.94
C SER B 101 -14.12 30.64 6.44
N LYS B 102 -15.38 30.70 6.89
CA LYS B 102 -15.83 30.44 8.30
C LYS B 102 -15.65 28.95 8.61
N GLN B 103 -14.93 28.66 9.69
CA GLN B 103 -14.60 27.30 10.21
C GLN B 103 -15.89 26.57 10.56
N ASP B 104 -16.76 27.23 11.34
CA ASP B 104 -18.00 26.60 11.89
C ASP B 104 -19.19 26.77 10.95
N VAL B 105 -20.07 25.77 10.91
CA VAL B 105 -21.42 25.82 10.28
C VAL B 105 -22.42 25.47 11.38
N THR B 106 -23.06 26.47 11.99
CA THR B 106 -23.91 26.32 13.20
C THR B 106 -25.39 26.24 12.80
N GLU B 107 -25.78 26.80 11.65
CA GLU B 107 -27.18 26.71 11.16
C GLU B 107 -27.12 26.62 9.64
N VAL B 108 -28.06 25.88 9.08
CA VAL B 108 -28.37 25.84 7.63
C VAL B 108 -29.86 25.95 7.52
N GLU B 109 -30.36 27.09 7.03
CA GLU B 109 -31.82 27.31 6.99
C GLU B 109 -32.39 26.62 5.75
N ILE B 110 -33.44 25.84 5.94
CA ILE B 110 -34.13 25.12 4.87
C ILE B 110 -35.62 25.25 5.20
N ASN B 111 -36.41 25.81 4.29
CA ASN B 111 -37.87 25.99 4.41
C ASN B 111 -38.50 25.28 3.23
N GLU B 112 -39.82 25.22 3.16
CA GLU B 112 -40.57 24.59 2.04
C GLU B 112 -40.16 25.21 0.69
N ASN B 113 -39.97 26.53 0.60
CA ASN B 113 -39.65 27.22 -0.68
C ASN B 113 -38.29 26.71 -1.21
N GLU B 114 -37.27 26.68 -0.35
CA GLU B 114 -35.90 26.16 -0.62
C GLU B 114 -36.00 24.70 -1.11
N LEU B 115 -36.85 23.87 -0.51
CA LEU B 115 -37.00 22.45 -0.89
C LEU B 115 -37.62 22.35 -2.28
N LYS B 116 -38.63 23.17 -2.57
CA LYS B 116 -39.31 23.21 -3.90
C LYS B 116 -38.31 23.66 -4.97
N ARG B 117 -37.35 24.54 -4.65
CA ARG B 117 -36.25 24.97 -5.56
C ARG B 117 -35.30 23.78 -5.82
N LEU B 118 -34.79 23.15 -4.77
CA LEU B 118 -33.88 21.97 -4.87
C LEU B 118 -34.54 20.93 -5.76
N ASP B 119 -35.85 20.77 -5.60
CA ASP B 119 -36.66 19.80 -6.35
C ASP B 119 -36.55 20.03 -7.87
N GLU B 120 -36.30 21.28 -8.30
CA GLU B 120 -36.19 21.61 -9.74
C GLU B 120 -34.91 20.95 -10.31
N TYR B 121 -33.88 20.79 -9.49
CA TYR B 121 -32.57 20.27 -9.94
C TYR B 121 -32.41 18.75 -9.77
N ALA B 122 -33.36 18.10 -9.12
CA ALA B 122 -33.22 16.69 -8.69
C ALA B 122 -33.51 15.81 -9.90
N ASN B 123 -32.77 14.71 -10.06
CA ASN B 123 -33.08 13.75 -11.16
C ASN B 123 -34.40 13.02 -10.82
N LYS B 124 -35.40 13.14 -11.67
CA LYS B 124 -36.75 12.58 -11.39
C LYS B 124 -36.73 11.06 -11.66
N ASP B 125 -35.96 10.56 -12.63
CA ASP B 125 -35.92 9.11 -12.97
C ASP B 125 -35.38 8.34 -11.75
N ALA B 126 -34.33 8.87 -11.14
CA ALA B 126 -33.65 8.35 -9.93
C ALA B 126 -34.65 8.38 -8.76
N LEU B 127 -35.30 9.52 -8.51
CA LEU B 127 -36.26 9.65 -7.38
C LEU B 127 -37.38 8.64 -7.56
N ASN B 128 -37.98 8.53 -8.76
CA ASN B 128 -39.06 7.55 -9.04
C ASN B 128 -38.52 6.14 -8.83
N HIS B 129 -37.33 5.81 -9.35
CA HIS B 129 -36.78 4.43 -9.23
C HIS B 129 -36.63 4.07 -7.75
N TYR B 130 -36.06 4.97 -6.95
CA TYR B 130 -35.85 4.77 -5.50
C TYR B 130 -37.20 4.57 -4.81
N ARG B 131 -38.21 5.35 -5.17
CA ARG B 131 -39.58 5.17 -4.62
C ARG B 131 -40.02 3.74 -4.94
N GLU B 132 -39.77 3.26 -6.16
CA GLU B 132 -40.27 1.94 -6.59
C GLU B 132 -39.59 0.83 -5.79
N ILE B 133 -38.28 0.97 -5.53
CA ILE B 133 -37.47 0.01 -4.72
C ILE B 133 -38.06 -0.01 -3.30
N PHE B 134 -38.19 1.16 -2.69
CA PHE B 134 -38.57 1.30 -1.27
C PHE B 134 -40.04 0.88 -1.04
N LYS B 135 -40.94 1.10 -2.01
CA LYS B 135 -42.34 0.64 -1.92
C LYS B 135 -42.31 -0.90 -1.88
N ASP B 136 -41.56 -1.52 -2.80
CA ASP B 136 -41.46 -3.00 -2.89
C ASP B 136 -40.89 -3.53 -1.56
N LEU B 137 -39.90 -2.82 -1.02
CA LEU B 137 -39.24 -3.22 0.24
C LEU B 137 -40.31 -3.23 1.35
N LYS B 138 -41.01 -2.11 1.53
CA LYS B 138 -42.05 -1.95 2.57
C LYS B 138 -43.15 -2.99 2.38
N SER B 139 -43.42 -3.39 1.15
CA SER B 139 -44.51 -4.35 0.85
C SER B 139 -44.15 -5.78 1.29
N ARG B 140 -42.90 -6.10 1.65
CA ARG B 140 -42.55 -7.43 2.22
C ARG B 140 -42.61 -7.37 3.74
N GLY B 141 -43.19 -6.31 4.29
CA GLY B 141 -43.17 -6.01 5.74
C GLY B 141 -41.77 -5.81 6.29
N LEU B 142 -40.82 -5.34 5.47
CA LEU B 142 -39.49 -4.91 5.98
C LEU B 142 -39.58 -3.52 6.56
N TYR B 143 -39.14 -3.33 7.80
CA TYR B 143 -38.93 -2.01 8.44
C TYR B 143 -37.71 -1.39 7.75
N PHE B 144 -37.72 -0.07 7.55
CA PHE B 144 -36.73 0.63 6.68
C PHE B 144 -35.98 1.69 7.47
N ILE B 145 -34.67 1.47 7.63
CA ILE B 145 -33.68 2.51 8.00
C ILE B 145 -33.09 3.07 6.70
N LEU B 146 -33.41 4.32 6.37
CA LEU B 146 -32.79 5.08 5.25
C LEU B 146 -31.61 5.84 5.80
N ASN B 147 -30.44 5.54 5.23
CA ASN B 147 -29.16 6.21 5.46
C ASN B 147 -28.94 7.17 4.29
N MET B 148 -28.41 8.37 4.53
CA MET B 148 -28.33 9.41 3.48
C MET B 148 -27.06 9.19 2.66
N TYR B 149 -25.98 8.67 3.30
CA TYR B 149 -24.59 8.71 2.78
C TYR B 149 -23.78 7.44 3.11
N HIS B 150 -23.18 6.76 2.10
CA HIS B 150 -22.28 5.59 2.28
C HIS B 150 -21.05 5.74 1.38
N TRP B 151 -20.41 6.94 1.42
CA TRP B 151 -18.98 7.22 1.11
C TRP B 151 -18.80 8.00 -0.20
N PRO B 152 -19.34 7.57 -1.35
CA PRO B 152 -19.21 8.38 -2.55
C PRO B 152 -19.98 9.72 -2.47
N LEU B 153 -19.34 10.76 -2.97
CA LEU B 153 -19.84 12.15 -3.10
C LEU B 153 -20.03 12.42 -4.59
N PRO B 154 -20.97 13.32 -4.98
CA PRO B 154 -21.02 13.80 -6.37
C PRO B 154 -19.66 14.38 -6.78
N LEU B 155 -19.22 14.17 -8.02
CA LEU B 155 -17.89 14.65 -8.49
C LEU B 155 -17.84 16.19 -8.42
N TRP B 156 -19.00 16.87 -8.53
CA TRP B 156 -19.01 18.36 -8.45
C TRP B 156 -18.66 18.79 -7.02
N LEU B 157 -18.67 17.90 -6.01
CA LEU B 157 -18.27 18.26 -4.62
C LEU B 157 -16.87 17.73 -4.27
N HIS B 158 -16.30 16.85 -5.08
CA HIS B 158 -15.00 16.20 -4.81
C HIS B 158 -14.41 15.58 -6.07
N ASP B 159 -13.30 16.12 -6.54
CA ASP B 159 -12.45 15.48 -7.59
C ASP B 159 -11.26 14.90 -6.84
N PRO B 160 -11.29 13.57 -6.54
CA PRO B 160 -10.26 12.98 -5.67
C PRO B 160 -8.89 12.91 -6.33
N ILE B 161 -8.85 12.90 -7.67
CA ILE B 161 -7.55 12.72 -8.40
C ILE B 161 -6.74 14.00 -8.25
N ARG B 162 -7.44 15.12 -8.34
CA ARG B 162 -6.86 16.48 -8.18
C ARG B 162 -6.30 16.62 -6.76
N VAL B 163 -7.08 16.20 -5.77
CA VAL B 163 -6.61 16.25 -4.36
C VAL B 163 -5.46 15.26 -4.12
N ARG B 164 -5.50 14.05 -4.70
CA ARG B 164 -4.37 13.08 -4.63
C ARG B 164 -3.08 13.74 -5.14
N ARG B 165 -3.20 14.54 -6.20
CA ARG B 165 -2.07 15.26 -6.82
C ARG B 165 -1.63 16.48 -5.99
N GLY B 166 -2.34 16.84 -4.94
CA GLY B 166 -1.93 17.92 -4.01
C GLY B 166 -2.39 19.29 -4.53
N ASP B 167 -3.39 19.25 -5.37
CA ASP B 167 -4.11 20.41 -5.98
C ASP B 167 -5.42 20.59 -5.23
N PHE B 168 -5.44 21.60 -4.35
CA PHE B 168 -6.60 21.92 -3.52
C PHE B 168 -7.41 23.08 -4.13
N THR B 169 -7.20 23.42 -5.41
CA THR B 169 -7.91 24.56 -6.08
C THR B 169 -9.32 24.10 -6.50
N GLY B 170 -9.58 22.79 -6.53
CA GLY B 170 -10.85 22.23 -7.02
C GLY B 170 -11.77 21.78 -5.89
N PRO B 171 -12.87 21.05 -6.20
CA PRO B 171 -13.80 20.57 -5.18
C PRO B 171 -13.12 19.50 -4.32
N SER B 172 -13.20 19.66 -3.00
CA SER B 172 -12.26 19.05 -2.03
C SER B 172 -12.99 18.16 -1.02
N GLY B 173 -14.24 17.80 -1.32
CA GLY B 173 -15.08 16.90 -0.54
C GLY B 173 -15.24 17.42 0.87
N TRP B 174 -15.17 16.55 1.88
CA TRP B 174 -15.39 16.94 3.29
C TRP B 174 -14.35 17.96 3.78
N LEU B 175 -13.34 18.36 2.99
CA LEU B 175 -12.34 19.39 3.44
C LEU B 175 -12.96 20.80 3.29
N SER B 176 -14.15 20.91 2.70
CA SER B 176 -14.83 22.18 2.37
C SER B 176 -16.19 22.25 3.08
N THR B 177 -16.48 23.39 3.72
CA THR B 177 -17.79 23.67 4.38
C THR B 177 -18.94 23.66 3.36
N ARG B 178 -18.65 23.91 2.07
CA ARG B 178 -19.70 23.84 1.02
C ARG B 178 -20.30 22.44 1.06
N THR B 179 -19.45 21.42 1.27
CA THR B 179 -19.92 20.01 1.32
C THR B 179 -20.82 19.85 2.56
N VAL B 180 -20.46 20.48 3.66
CA VAL B 180 -21.29 20.40 4.91
C VAL B 180 -22.66 20.98 4.61
N TYR B 181 -22.65 22.19 4.05
CA TYR B 181 -23.86 22.96 3.70
C TYR B 181 -24.75 22.08 2.83
N GLU B 182 -24.16 21.52 1.76
CA GLU B 182 -24.98 20.80 0.75
C GLU B 182 -25.53 19.50 1.34
N PHE B 183 -24.77 18.84 2.21
CA PHE B 183 -25.21 17.56 2.84
C PHE B 183 -26.46 17.81 3.70
N ALA B 184 -26.45 18.89 4.51
CA ALA B 184 -27.67 19.31 5.28
C ALA B 184 -28.88 19.43 4.35
N ARG B 185 -28.71 20.16 3.24
CA ARG B 185 -29.81 20.41 2.27
C ARG B 185 -30.24 19.10 1.64
N PHE B 186 -29.28 18.28 1.18
CA PHE B 186 -29.58 16.96 0.57
C PHE B 186 -30.43 16.11 1.53
N SER B 187 -30.04 16.02 2.80
CA SER B 187 -30.67 15.13 3.80
C SER B 187 -32.10 15.58 4.09
N ALA B 188 -32.31 16.88 4.35
CA ALA B 188 -33.67 17.43 4.53
C ALA B 188 -34.53 17.08 3.32
N TYR B 189 -33.95 17.27 2.12
CA TYR B 189 -34.66 17.06 0.83
C TYR B 189 -35.09 15.60 0.72
N ILE B 190 -34.22 14.64 1.05
CA ILE B 190 -34.55 13.18 0.86
C ILE B 190 -35.66 12.80 1.85
N ALA B 191 -35.57 13.28 3.08
CA ALA B 191 -36.62 13.10 4.11
C ALA B 191 -37.95 13.68 3.62
N TRP B 192 -37.89 14.87 3.03
CA TRP B 192 -39.10 15.58 2.54
C TRP B 192 -39.78 14.68 1.52
N LYS B 193 -38.97 14.01 0.68
CA LYS B 193 -39.49 13.20 -0.44
C LYS B 193 -39.91 11.80 0.04
N PHE B 194 -39.23 11.22 1.02
CA PHE B 194 -39.39 9.76 1.24
C PHE B 194 -40.04 9.43 2.61
N ASP B 195 -40.30 10.43 3.44
CA ASP B 195 -40.59 10.24 4.89
C ASP B 195 -41.81 9.35 5.08
N ASP B 196 -42.64 9.20 4.05
CA ASP B 196 -43.82 8.33 4.08
C ASP B 196 -43.40 6.86 3.98
N LEU B 197 -42.20 6.55 3.49
CA LEU B 197 -41.75 5.14 3.32
C LEU B 197 -40.73 4.77 4.42
N VAL B 198 -40.16 5.75 5.11
CA VAL B 198 -38.99 5.53 6.02
C VAL B 198 -39.49 5.32 7.45
N ASP B 199 -38.90 4.38 8.19
CA ASP B 199 -39.27 4.14 9.60
C ASP B 199 -38.24 4.87 10.46
N GLU B 200 -36.94 4.72 10.18
CA GLU B 200 -35.88 5.49 10.89
C GLU B 200 -34.81 5.99 9.89
N TYR B 201 -34.01 6.99 10.30
CA TYR B 201 -33.00 7.66 9.44
C TYR B 201 -31.64 7.48 10.09
N SER B 202 -30.63 7.27 9.26
CA SER B 202 -29.21 7.50 9.57
C SER B 202 -28.73 8.63 8.67
N THR B 203 -27.87 9.49 9.17
CA THR B 203 -27.26 10.56 8.35
C THR B 203 -26.20 9.91 7.48
N MET B 204 -25.24 9.23 8.12
CA MET B 204 -24.01 8.67 7.47
C MET B 204 -23.71 7.23 7.92
N ASN B 205 -22.94 6.55 7.07
CA ASN B 205 -22.25 5.25 7.32
C ASN B 205 -20.76 5.48 7.50
N GLU B 206 -20.23 5.25 8.70
CA GLU B 206 -18.78 5.15 9.00
C GLU B 206 -17.99 6.30 8.41
N PRO B 207 -18.30 7.56 8.80
CA PRO B 207 -17.51 8.72 8.35
C PRO B 207 -16.07 8.64 8.83
N ASN B 208 -15.83 7.94 9.95
CA ASN B 208 -14.46 7.81 10.50
C ASN B 208 -13.59 7.02 9.51
N VAL B 209 -14.15 6.08 8.76
CA VAL B 209 -13.37 5.24 7.82
C VAL B 209 -13.03 6.09 6.59
N VAL B 210 -13.99 6.90 6.09
CA VAL B 210 -13.78 7.81 4.91
C VAL B 210 -12.54 8.66 5.15
N GLY B 211 -12.45 9.31 6.30
CA GLY B 211 -11.31 10.20 6.61
C GLY B 211 -10.05 9.47 7.03
N GLY B 212 -10.15 8.44 7.88
CA GLY B 212 -8.97 7.68 8.33
C GLY B 212 -8.22 7.01 7.19
N LEU B 213 -8.90 6.31 6.27
CA LEU B 213 -8.24 5.66 5.09
C LEU B 213 -7.94 6.70 3.99
N GLY B 214 -8.76 7.75 3.82
CA GLY B 214 -8.55 8.76 2.77
C GLY B 214 -7.35 9.66 3.00
N TYR B 215 -7.02 9.95 4.26
CA TYR B 215 -6.04 10.99 4.65
C TYR B 215 -4.91 10.37 5.48
N VAL B 216 -5.02 9.13 5.95
CA VAL B 216 -3.87 8.54 6.72
C VAL B 216 -3.51 7.13 6.20
N GLY B 217 -4.45 6.21 6.23
CA GLY B 217 -4.22 4.81 5.79
C GLY B 217 -4.25 4.71 4.28
N VAL B 218 -3.32 5.41 3.62
CA VAL B 218 -3.37 5.64 2.14
C VAL B 218 -3.07 4.34 1.34
N LYS B 219 -2.45 3.32 1.94
CA LYS B 219 -2.26 2.02 1.21
C LYS B 219 -3.59 1.32 1.00
N SER B 220 -4.64 1.77 1.67
CA SER B 220 -6.02 1.25 1.51
C SER B 220 -6.52 1.50 0.08
N GLY B 221 -5.98 2.49 -0.64
CA GLY B 221 -6.55 2.92 -1.92
C GLY B 221 -7.93 3.54 -1.76
N PHE B 222 -8.16 4.30 -0.68
CA PHE B 222 -9.44 5.02 -0.49
C PHE B 222 -9.26 6.48 -0.93
N PRO B 223 -10.27 7.10 -1.55
CA PRO B 223 -10.07 8.48 -2.01
C PRO B 223 -10.08 9.52 -0.88
N PRO B 224 -9.33 10.65 -1.02
CA PRO B 224 -8.47 10.93 -2.17
C PRO B 224 -7.02 10.46 -2.06
N GLY B 225 -6.70 9.69 -1.01
CA GLY B 225 -5.36 9.11 -0.80
C GLY B 225 -4.30 10.19 -0.70
N TYR B 226 -4.62 11.27 0.02
CA TYR B 226 -3.66 12.36 0.32
C TYR B 226 -3.27 12.27 1.78
N LEU B 227 -2.02 11.92 2.04
CA LEU B 227 -1.51 11.62 3.40
C LEU B 227 -1.33 12.96 4.18
N SER B 228 -2.17 13.17 5.19
CA SER B 228 -2.15 14.42 6.01
C SER B 228 -2.90 14.21 7.30
N PHE B 229 -2.17 14.24 8.42
CA PHE B 229 -2.78 14.31 9.78
C PHE B 229 -3.73 15.53 9.84
N GLU B 230 -3.25 16.69 9.41
CA GLU B 230 -4.01 17.98 9.49
C GLU B 230 -5.32 17.88 8.72
N LEU B 231 -5.29 17.37 7.49
CA LEU B 231 -6.54 17.25 6.70
C LEU B 231 -7.44 16.14 7.23
N SER B 232 -6.90 15.06 7.85
CA SER B 232 -7.79 14.04 8.48
C SER B 232 -8.58 14.73 9.60
N ARG B 233 -7.94 15.52 10.45
CA ARG B 233 -8.61 16.33 11.53
C ARG B 233 -9.64 17.27 10.89
N ARG B 234 -9.29 18.00 9.82
CA ARG B 234 -10.30 18.89 9.20
C ARG B 234 -11.49 18.07 8.72
N HIS B 235 -11.21 16.96 8.06
CA HIS B 235 -12.28 16.06 7.59
C HIS B 235 -13.24 15.73 8.73
N MET B 236 -12.74 15.24 9.86
CA MET B 236 -13.63 14.76 10.95
C MET B 236 -14.38 15.96 11.57
N TYR B 237 -13.73 17.11 11.71
CA TYR B 237 -14.42 18.35 12.16
C TYR B 237 -15.65 18.61 11.29
N ASN B 238 -15.48 18.59 9.96
CA ASN B 238 -16.56 18.93 9.01
C ASN B 238 -17.63 17.84 9.03
N ILE B 239 -17.23 16.58 9.18
CA ILE B 239 -18.23 15.50 9.19
C ILE B 239 -19.11 15.63 10.47
N ILE B 240 -18.53 16.05 11.59
CA ILE B 240 -19.32 16.27 12.86
C ILE B 240 -20.42 17.30 12.56
N GLN B 241 -20.05 18.44 11.99
CA GLN B 241 -21.02 19.56 11.83
C GLN B 241 -21.96 19.20 10.67
N ALA B 242 -21.50 18.42 9.68
CA ALA B 242 -22.43 17.90 8.64
C ALA B 242 -23.49 17.02 9.29
N HIS B 243 -23.09 16.15 10.21
CA HIS B 243 -24.06 15.25 10.87
C HIS B 243 -25.12 16.15 11.56
N ALA B 244 -24.66 17.11 12.34
CA ALA B 244 -25.55 17.94 13.20
C ALA B 244 -26.53 18.74 12.31
N ARG B 245 -26.01 19.30 11.22
CA ARG B 245 -26.81 20.07 10.22
C ARG B 245 -27.80 19.09 9.54
N ALA B 246 -27.38 17.88 9.17
CA ALA B 246 -28.29 16.89 8.54
C ALA B 246 -29.39 16.49 9.54
N TYR B 247 -29.06 16.31 10.82
CA TYR B 247 -30.09 15.99 11.84
C TYR B 247 -31.16 17.10 11.85
N ASP B 248 -30.74 18.34 12.06
CA ASP B 248 -31.66 19.54 12.11
C ASP B 248 -32.47 19.63 10.82
N GLY B 249 -31.80 19.43 9.69
CA GLY B 249 -32.46 19.35 8.38
C GLY B 249 -33.57 18.32 8.37
N ILE B 250 -33.31 17.10 8.85
CA ILE B 250 -34.33 16.02 8.74
C ILE B 250 -35.47 16.35 9.72
N LYS B 251 -35.08 16.74 10.94
CA LYS B 251 -36.02 17.14 12.03
C LYS B 251 -36.98 18.23 11.52
N SER B 252 -36.52 19.16 10.67
CA SER B 252 -37.32 20.30 10.13
C SER B 252 -38.51 19.76 9.32
N VAL B 253 -38.46 18.50 8.89
CA VAL B 253 -39.48 17.99 7.93
C VAL B 253 -40.01 16.61 8.37
N SER B 254 -39.47 16.02 9.44
CA SER B 254 -39.90 14.67 9.91
C SER B 254 -39.84 14.60 11.45
N LYS B 255 -40.72 13.78 12.03
CA LYS B 255 -40.77 13.55 13.51
C LYS B 255 -39.92 12.30 13.84
N LYS B 256 -39.56 11.51 12.82
CA LYS B 256 -39.01 10.13 12.93
C LYS B 256 -37.59 10.15 13.48
N PRO B 257 -37.14 9.01 14.06
CA PRO B 257 -35.83 8.96 14.68
C PRO B 257 -34.68 9.08 13.65
N VAL B 258 -33.61 9.72 14.08
CA VAL B 258 -32.41 10.07 13.27
C VAL B 258 -31.18 9.70 14.08
N GLY B 259 -30.40 8.74 13.58
CA GLY B 259 -29.12 8.37 14.20
C GLY B 259 -27.97 8.49 13.23
N ILE B 260 -26.90 7.78 13.53
CA ILE B 260 -25.68 7.68 12.66
C ILE B 260 -25.14 6.24 12.75
N ILE B 261 -24.38 5.82 11.76
CA ILE B 261 -23.80 4.45 11.67
C ILE B 261 -22.29 4.66 11.70
N TYR B 262 -21.61 3.96 12.60
CA TYR B 262 -20.19 4.23 12.88
C TYR B 262 -19.40 2.92 12.98
N ALA B 263 -18.14 2.94 12.53
CA ALA B 263 -17.26 1.76 12.46
C ALA B 263 -16.56 1.62 13.81
N ASN B 264 -16.84 0.48 14.44
CA ASN B 264 -16.30 0.17 15.79
C ASN B 264 -15.35 -1.00 15.70
N SER B 265 -14.27 -0.96 16.46
CA SER B 265 -13.59 -2.21 16.87
C SER B 265 -13.60 -2.30 18.41
N SER B 266 -13.61 -3.52 18.92
CA SER B 266 -13.41 -3.81 20.37
C SER B 266 -11.93 -3.68 20.73
N PHE B 267 -11.61 -2.72 21.59
CA PHE B 267 -10.21 -2.48 21.96
C PHE B 267 -9.90 -3.42 23.12
N GLN B 268 -8.86 -4.23 22.96
CA GLN B 268 -8.53 -5.33 23.90
C GLN B 268 -7.11 -5.11 24.34
N PRO B 269 -6.81 -5.38 25.63
CA PRO B 269 -5.49 -5.15 26.18
C PRO B 269 -4.55 -6.30 25.83
N LEU B 270 -3.30 -6.04 25.43
CA LEU B 270 -2.34 -7.13 25.13
C LEU B 270 -2.06 -7.90 26.44
N THR B 271 -1.68 -7.20 27.51
CA THR B 271 -1.47 -7.78 28.87
C THR B 271 -2.42 -7.11 29.86
N ASP B 272 -2.44 -7.59 31.11
CA ASP B 272 -3.29 -7.02 32.18
C ASP B 272 -2.85 -5.57 32.51
N LYS B 273 -1.64 -5.17 32.07
CA LYS B 273 -1.01 -3.86 32.34
C LYS B 273 -1.34 -2.86 31.19
N ASP B 274 -2.47 -3.04 30.48
CA ASP B 274 -2.79 -2.23 29.27
C ASP B 274 -4.25 -1.75 29.29
N MET B 275 -4.95 -1.81 30.42
CA MET B 275 -6.38 -1.42 30.48
C MET B 275 -6.54 0.08 30.19
N GLU B 276 -5.47 0.84 30.45
CA GLU B 276 -5.43 2.31 30.26
C GLU B 276 -5.25 2.58 28.77
N ALA B 277 -4.47 1.76 28.07
CA ALA B 277 -4.29 1.86 26.61
C ALA B 277 -5.66 1.65 25.93
N VAL B 278 -6.49 0.74 26.43
CA VAL B 278 -7.84 0.44 25.89
C VAL B 278 -8.70 1.72 25.99
N GLU B 279 -8.75 2.33 27.17
CA GLU B 279 -9.56 3.55 27.45
C GLU B 279 -9.11 4.65 26.48
N MET B 280 -7.79 4.83 26.32
CA MET B 280 -7.24 5.90 25.45
C MET B 280 -7.65 5.64 24.00
N ALA B 281 -7.72 4.37 23.59
CA ALA B 281 -8.03 4.03 22.18
C ALA B 281 -9.52 4.24 21.98
N GLU B 282 -10.33 3.93 22.99
CA GLU B 282 -11.78 4.19 22.99
C GLU B 282 -12.03 5.72 22.88
N ASN B 283 -11.27 6.54 23.60
CA ASN B 283 -11.36 8.02 23.56
C ASN B 283 -11.05 8.48 22.14
N ASP B 284 -9.93 8.03 21.59
CA ASP B 284 -9.35 8.53 20.32
C ASP B 284 -10.19 8.09 19.12
N ASN B 285 -10.88 6.95 19.18
CA ASN B 285 -11.50 6.33 17.97
C ASN B 285 -13.02 6.35 18.08
N ARG B 286 -13.55 6.66 19.26
CA ARG B 286 -14.99 6.45 19.50
C ARG B 286 -15.57 7.64 20.31
N TRP B 287 -15.09 7.90 21.53
CA TRP B 287 -15.83 8.81 22.46
C TRP B 287 -15.73 10.27 21.97
N TRP B 288 -14.53 10.69 21.56
CA TRP B 288 -14.29 12.05 21.00
C TRP B 288 -15.41 12.41 20.02
N PHE B 289 -15.74 11.49 19.11
CA PHE B 289 -16.76 11.72 18.06
C PHE B 289 -18.15 11.80 18.69
N PHE B 290 -18.51 10.83 19.51
CA PHE B 290 -19.91 10.73 19.98
C PHE B 290 -20.16 11.76 21.09
N ASP B 291 -19.13 12.16 21.84
CA ASP B 291 -19.26 13.25 22.84
C ASP B 291 -19.54 14.58 22.09
N ALA B 292 -19.12 14.70 20.83
CA ALA B 292 -19.41 15.88 19.98
C ALA B 292 -20.90 15.97 19.65
N ILE B 293 -21.47 14.92 19.10
CA ILE B 293 -22.82 14.98 18.46
C ILE B 293 -23.90 14.67 19.51
N ILE B 294 -23.49 14.25 20.71
CA ILE B 294 -24.46 13.97 21.80
C ILE B 294 -24.38 15.09 22.83
N ARG B 295 -23.18 15.42 23.31
CA ARG B 295 -22.94 16.33 24.45
C ARG B 295 -22.31 17.64 23.96
N GLY B 296 -22.19 17.79 22.65
CA GLY B 296 -21.76 19.05 22.04
C GLY B 296 -20.31 19.39 22.35
N GLU B 297 -19.56 18.51 23.03
CA GLU B 297 -18.13 18.82 23.37
C GLU B 297 -17.24 18.50 22.17
N ILE B 298 -16.15 19.26 22.01
CA ILE B 298 -15.27 19.20 20.81
C ILE B 298 -14.06 20.10 21.03
N THR B 299 -13.01 19.86 20.25
CA THR B 299 -11.71 20.57 20.22
C THR B 299 -11.56 21.27 18.85
N ARG B 300 -11.23 22.57 18.86
CA ARG B 300 -11.04 23.45 17.67
C ARG B 300 -9.84 24.36 17.92
N GLY B 301 -8.77 24.25 17.14
CA GLY B 301 -7.43 24.72 17.54
C GLY B 301 -6.97 23.96 18.78
N ASN B 302 -6.02 24.49 19.55
CA ASN B 302 -5.56 23.85 20.81
C ASN B 302 -6.51 24.27 21.95
N GLU B 303 -7.83 23.99 21.86
CA GLU B 303 -8.79 24.31 22.96
C GLU B 303 -10.12 23.54 22.83
N LYS B 304 -10.50 22.85 23.93
CA LYS B 304 -11.74 22.06 24.06
C LYS B 304 -12.87 22.99 24.54
N ILE B 305 -14.01 23.01 23.83
CA ILE B 305 -15.16 23.94 23.98
C ILE B 305 -16.46 23.10 23.97
N VAL B 306 -17.61 23.70 24.31
CA VAL B 306 -18.95 23.12 24.06
C VAL B 306 -19.65 23.98 23.00
N ARG B 307 -20.27 23.36 21.99
CA ARG B 307 -21.07 24.04 20.93
C ARG B 307 -22.52 23.61 21.09
N ASP B 308 -23.42 24.58 21.30
CA ASP B 308 -24.87 24.35 21.47
C ASP B 308 -25.45 23.81 20.16
N ASP B 309 -24.85 24.11 19.01
CA ASP B 309 -25.41 23.68 17.70
C ASP B 309 -25.21 22.15 17.52
N LEU B 310 -24.26 21.55 18.24
CA LEU B 310 -23.88 20.10 18.13
C LEU B 310 -24.63 19.25 19.16
N LYS B 311 -24.77 19.75 20.39
CA LYS B 311 -25.35 19.03 21.55
C LYS B 311 -26.74 18.47 21.21
N GLY B 312 -26.97 17.19 21.53
CA GLY B 312 -28.29 16.52 21.47
C GLY B 312 -28.71 16.09 20.07
N ARG B 313 -27.80 16.09 19.09
CA ARG B 313 -28.16 15.77 17.68
C ARG B 313 -28.03 14.26 17.41
N LEU B 314 -28.70 13.43 18.20
CA LEU B 314 -28.67 11.95 18.00
C LEU B 314 -29.75 11.26 18.81
N ASP B 315 -30.55 10.44 18.14
CA ASP B 315 -31.65 9.66 18.74
C ASP B 315 -31.28 8.16 18.86
N TRP B 316 -30.22 7.67 18.17
CA TRP B 316 -29.86 6.22 18.15
C TRP B 316 -28.49 6.01 17.50
N ILE B 317 -27.84 4.89 17.83
CA ILE B 317 -26.46 4.55 17.45
C ILE B 317 -26.51 3.25 16.66
N GLY B 318 -26.05 3.34 15.41
CA GLY B 318 -25.78 2.22 14.51
C GLY B 318 -24.42 1.63 14.78
N VAL B 319 -24.38 0.43 15.38
CA VAL B 319 -23.09 -0.24 15.75
C VAL B 319 -22.69 -1.15 14.58
N ASN B 320 -21.58 -0.80 13.94
CA ASN B 320 -20.86 -1.58 12.89
C ASN B 320 -19.63 -2.22 13.53
N TYR B 321 -19.53 -3.56 13.47
CA TYR B 321 -18.52 -4.35 14.20
C TYR B 321 -18.08 -5.53 13.32
N TYR B 322 -16.79 -5.77 13.17
CA TYR B 322 -16.36 -7.05 12.54
C TYR B 322 -15.26 -7.75 13.34
N THR B 323 -14.42 -7.03 14.10
CA THR B 323 -13.29 -7.65 14.83
C THR B 323 -12.74 -6.70 15.89
N ARG B 324 -11.70 -7.14 16.60
CA ARG B 324 -11.06 -6.40 17.71
C ARG B 324 -9.85 -5.64 17.20
N THR B 325 -9.26 -4.83 18.08
CA THR B 325 -7.91 -4.28 17.91
C THR B 325 -7.22 -4.49 19.25
N VAL B 326 -6.04 -5.09 19.21
CA VAL B 326 -5.28 -5.34 20.44
C VAL B 326 -4.30 -4.17 20.55
N VAL B 327 -4.25 -3.58 21.75
CA VAL B 327 -3.45 -2.35 22.04
C VAL B 327 -2.56 -2.59 23.25
N LYS B 328 -1.37 -2.02 23.23
CA LYS B 328 -0.42 -2.00 24.36
C LYS B 328 -0.03 -0.54 24.69
N ARG B 329 0.37 -0.33 25.94
CA ARG B 329 0.82 0.96 26.54
C ARG B 329 2.25 1.28 26.05
N THR B 330 2.56 2.55 25.72
CA THR B 330 3.95 3.07 25.44
C THR B 330 4.24 4.26 26.37
N GLU B 331 5.52 4.67 26.51
CA GLU B 331 5.96 5.96 27.11
C GLU B 331 5.04 7.08 26.61
N LYS B 332 5.03 7.34 25.29
CA LYS B 332 4.23 8.38 24.60
C LYS B 332 2.71 8.19 24.83
N GLY B 333 2.19 6.95 24.75
CA GLY B 333 0.74 6.67 24.75
C GLY B 333 0.42 5.18 24.54
N TYR B 334 -0.26 4.81 23.44
CA TYR B 334 -0.62 3.41 23.10
C TYR B 334 -0.32 3.12 21.62
N VAL B 335 -0.23 1.84 21.25
CA VAL B 335 -0.20 1.40 19.81
C VAL B 335 -1.06 0.14 19.66
N SER B 336 -1.58 -0.03 18.45
CA SER B 336 -2.22 -1.24 17.89
C SER B 336 -1.14 -2.27 17.56
N LEU B 337 -1.43 -3.56 17.74
CA LEU B 337 -0.47 -4.63 17.37
C LEU B 337 -0.92 -5.30 16.07
N GLY B 338 0.01 -5.49 15.13
CA GLY B 338 -0.14 -6.38 13.96
C GLY B 338 -0.37 -7.83 14.40
N GLY B 339 -1.07 -8.66 13.60
CA GLY B 339 -1.24 -10.10 13.91
C GLY B 339 -2.45 -10.42 14.76
N TYR B 340 -3.26 -9.41 15.08
CA TYR B 340 -4.58 -9.50 15.73
C TYR B 340 -5.56 -8.63 14.96
N GLY B 341 -6.86 -8.83 15.13
CA GLY B 341 -7.93 -7.97 14.60
C GLY B 341 -7.92 -7.90 13.09
N HIS B 342 -7.88 -6.69 12.52
CA HIS B 342 -7.94 -6.51 11.04
C HIS B 342 -6.54 -6.57 10.44
N GLY B 343 -5.49 -6.70 11.24
CA GLY B 343 -4.11 -6.79 10.72
C GLY B 343 -3.53 -8.21 10.72
N CYS B 344 -4.29 -9.23 10.33
CA CYS B 344 -3.78 -10.63 10.24
C CYS B 344 -3.54 -11.02 8.77
N GLU B 345 -2.83 -12.12 8.55
CA GLU B 345 -2.81 -12.78 7.21
C GLU B 345 -4.21 -13.30 6.87
N ARG B 346 -4.55 -13.29 5.58
CA ARG B 346 -5.79 -13.83 5.02
C ARG B 346 -5.76 -15.35 5.12
N ASN B 347 -6.88 -15.96 5.47
CA ASN B 347 -7.06 -17.43 5.44
C ASN B 347 -5.96 -18.06 6.27
N SER B 348 -5.91 -17.65 7.53
CA SER B 348 -4.84 -18.15 8.41
C SER B 348 -5.33 -18.10 9.85
N VAL B 349 -4.43 -17.78 10.75
CA VAL B 349 -4.72 -17.75 12.20
C VAL B 349 -4.01 -16.52 12.76
N SER B 350 -4.63 -15.86 13.73
CA SER B 350 -4.02 -14.68 14.38
C SER B 350 -2.86 -15.16 15.23
N LEU B 351 -2.10 -14.25 15.86
CA LEU B 351 -1.12 -14.61 16.91
C LEU B 351 -1.81 -15.24 18.13
N ALA B 352 -3.13 -15.11 18.30
CA ALA B 352 -3.84 -15.77 19.39
C ALA B 352 -4.41 -17.12 18.94
N GLY B 353 -4.11 -17.56 17.72
CA GLY B 353 -4.62 -18.85 17.20
C GLY B 353 -6.08 -18.81 16.79
N LEU B 354 -6.68 -17.63 16.56
CA LEU B 354 -8.08 -17.56 16.11
C LEU B 354 -8.07 -17.48 14.60
N PRO B 355 -9.06 -18.09 13.93
CA PRO B 355 -9.05 -18.12 12.48
C PRO B 355 -9.30 -16.72 11.90
N THR B 356 -8.73 -16.50 10.74
CA THR B 356 -8.92 -15.23 10.01
C THR B 356 -9.70 -15.48 8.72
N SER B 357 -10.41 -14.44 8.31
CA SER B 357 -11.26 -14.45 7.10
C SER B 357 -10.42 -14.28 5.83
N ASP B 358 -11.14 -14.31 4.70
CA ASP B 358 -10.65 -14.03 3.34
C ASP B 358 -10.00 -12.64 3.30
N PHE B 359 -10.36 -11.75 4.23
CA PHE B 359 -9.84 -10.35 4.29
C PHE B 359 -8.75 -10.23 5.36
N GLY B 360 -8.45 -11.27 6.15
CA GLY B 360 -7.38 -11.19 7.16
C GLY B 360 -7.91 -10.62 8.46
N TRP B 361 -9.21 -10.77 8.71
CA TRP B 361 -9.85 -10.31 9.97
C TRP B 361 -10.07 -11.49 10.93
N GLU B 362 -9.69 -11.24 12.18
CA GLU B 362 -9.69 -12.23 13.29
C GLU B 362 -11.10 -12.42 13.83
N PHE B 363 -11.46 -13.67 14.09
CA PHE B 363 -12.74 -14.09 14.71
C PHE B 363 -12.69 -13.68 16.18
N PHE B 364 -13.58 -12.77 16.59
CA PHE B 364 -13.66 -12.27 17.98
C PHE B 364 -15.05 -11.75 18.29
N PRO B 365 -16.04 -12.65 18.41
CA PRO B 365 -17.43 -12.23 18.60
C PRO B 365 -17.69 -11.49 19.92
N GLU B 366 -16.88 -11.72 20.95
CA GLU B 366 -17.13 -11.14 22.29
C GLU B 366 -16.90 -9.62 22.24
N GLY B 367 -16.13 -9.14 21.26
CA GLY B 367 -15.98 -7.70 21.00
C GLY B 367 -17.31 -6.95 20.77
N LEU B 368 -18.29 -7.58 20.12
CA LEU B 368 -19.62 -7.01 19.86
C LEU B 368 -20.33 -6.74 21.20
N TYR B 369 -20.24 -7.66 22.16
CA TYR B 369 -20.78 -7.51 23.55
C TYR B 369 -20.12 -6.29 24.21
N ASP B 370 -18.78 -6.22 24.18
CA ASP B 370 -17.96 -5.10 24.71
C ASP B 370 -18.51 -3.79 24.13
N VAL B 371 -18.66 -3.70 22.81
CA VAL B 371 -18.99 -2.41 22.14
C VAL B 371 -20.44 -2.00 22.46
N LEU B 372 -21.42 -2.89 22.33
CA LEU B 372 -22.83 -2.59 22.69
C LEU B 372 -22.93 -2.14 24.15
N THR B 373 -22.25 -2.82 25.08
CA THR B 373 -22.43 -2.57 26.55
C THR B 373 -21.75 -1.25 26.89
N LYS B 374 -20.56 -1.01 26.34
CA LYS B 374 -19.84 0.28 26.52
C LYS B 374 -20.68 1.48 26.04
N TYR B 375 -21.31 1.39 24.87
CA TYR B 375 -22.13 2.50 24.30
C TYR B 375 -23.37 2.70 25.19
N TRP B 376 -23.97 1.61 25.65
CA TRP B 376 -25.22 1.68 26.44
C TRP B 376 -24.91 2.40 27.74
N ASN B 377 -23.81 2.01 28.40
CA ASN B 377 -23.45 2.53 29.75
C ASN B 377 -23.08 4.02 29.68
N ARG B 378 -22.57 4.51 28.54
CA ARG B 378 -22.10 5.92 28.41
C ARG B 378 -23.25 6.89 28.08
N TYR B 379 -24.21 6.50 27.23
CA TYR B 379 -25.18 7.43 26.60
C TYR B 379 -26.61 6.91 26.73
N HIS B 380 -26.83 5.64 27.06
CA HIS B 380 -28.20 5.11 27.24
C HIS B 380 -29.05 5.48 26.02
N LEU B 381 -28.43 5.55 24.83
CA LEU B 381 -29.17 5.61 23.55
C LEU B 381 -29.36 4.18 23.01
N TYR B 382 -30.55 3.87 22.52
CA TYR B 382 -30.88 2.58 21.89
C TYR B 382 -30.05 2.39 20.62
N MET B 383 -29.95 1.14 20.17
CA MET B 383 -28.94 0.73 19.18
C MET B 383 -29.55 -0.29 18.24
N TYR B 384 -28.98 -0.31 17.04
CA TYR B 384 -29.16 -1.38 16.05
C TYR B 384 -27.74 -1.88 15.80
N VAL B 385 -27.56 -3.19 15.57
CA VAL B 385 -26.25 -3.66 15.01
C VAL B 385 -26.44 -3.52 13.53
N THR B 386 -25.92 -2.43 12.95
CA THR B 386 -26.22 -2.03 11.55
C THR B 386 -25.26 -2.71 10.56
N GLU B 387 -24.18 -3.29 11.06
CA GLU B 387 -23.25 -4.06 10.19
C GLU B 387 -22.51 -5.12 10.99
N ASN B 388 -22.51 -6.37 10.48
CA ASN B 388 -21.68 -7.48 11.03
C ASN B 388 -21.62 -8.59 9.99
N GLY B 389 -20.40 -9.01 9.64
CA GLY B 389 -20.25 -10.00 8.56
C GLY B 389 -18.81 -10.36 8.31
N ILE B 390 -18.58 -11.24 7.32
CA ILE B 390 -17.26 -11.86 7.10
C ILE B 390 -17.07 -12.06 5.60
N ALA B 391 -15.86 -11.80 5.12
CA ALA B 391 -15.44 -12.16 3.76
C ALA B 391 -15.18 -13.68 3.76
N ASP B 392 -15.98 -14.44 3.03
CA ASP B 392 -15.94 -15.92 3.11
C ASP B 392 -16.74 -16.48 1.93
N ASP B 393 -16.09 -16.59 0.76
CA ASP B 393 -16.73 -17.11 -0.48
C ASP B 393 -17.14 -18.57 -0.26
N ALA B 394 -16.32 -19.35 0.45
CA ALA B 394 -16.52 -20.82 0.66
C ALA B 394 -17.68 -21.14 1.64
N ASP B 395 -18.00 -20.20 2.54
CA ASP B 395 -19.04 -20.30 3.61
C ASP B 395 -18.54 -21.24 4.73
N TYR B 396 -17.23 -21.37 4.86
CA TYR B 396 -16.62 -22.26 5.89
C TYR B 396 -16.87 -21.68 7.28
N GLN B 397 -16.63 -20.37 7.45
CA GLN B 397 -16.64 -19.76 8.80
C GLN B 397 -17.95 -19.02 9.08
N ARG B 398 -18.66 -18.55 8.05
CA ARG B 398 -19.80 -17.64 8.25
C ARG B 398 -20.84 -18.25 9.19
N PRO B 399 -21.23 -19.55 9.07
CA PRO B 399 -22.26 -20.11 9.94
C PRO B 399 -21.92 -19.87 11.41
N TYR B 400 -20.64 -20.04 11.77
CA TYR B 400 -20.11 -19.82 13.13
C TYR B 400 -20.13 -18.32 13.43
N TYR B 401 -19.66 -17.52 12.47
CA TYR B 401 -19.53 -16.04 12.64
C TYR B 401 -20.92 -15.46 12.97
N LEU B 402 -21.92 -15.82 12.18
CA LEU B 402 -23.32 -15.37 12.34
C LEU B 402 -23.83 -15.79 13.72
N VAL B 403 -23.88 -17.09 13.98
CA VAL B 403 -24.56 -17.57 15.21
C VAL B 403 -23.84 -16.93 16.40
N SER B 404 -22.52 -16.79 16.36
CA SER B 404 -21.72 -16.34 17.52
C SER B 404 -21.97 -14.86 17.81
N HIS B 405 -22.00 -14.01 16.77
CA HIS B 405 -22.21 -12.56 16.95
C HIS B 405 -23.66 -12.34 17.39
N VAL B 406 -24.62 -13.09 16.84
CA VAL B 406 -26.06 -12.98 17.22
C VAL B 406 -26.16 -13.30 18.71
N TYR B 407 -25.49 -14.36 19.17
CA TYR B 407 -25.50 -14.74 20.60
C TYR B 407 -25.02 -13.55 21.43
N GLN B 408 -23.94 -12.88 21.02
CA GLN B 408 -23.35 -11.73 21.76
C GLN B 408 -24.38 -10.58 21.87
N VAL B 409 -25.24 -10.40 20.88
CA VAL B 409 -26.34 -9.39 20.95
C VAL B 409 -27.33 -9.81 22.04
N HIS B 410 -27.68 -11.10 22.09
CA HIS B 410 -28.63 -11.66 23.08
C HIS B 410 -28.04 -11.38 24.46
N ARG B 411 -26.73 -11.54 24.58
CA ARG B 411 -26.02 -11.28 25.85
C ARG B 411 -26.14 -9.80 26.23
N ALA B 412 -25.91 -8.89 25.28
CA ALA B 412 -25.99 -7.43 25.51
C ALA B 412 -27.39 -7.05 26.04
N ILE B 413 -28.45 -7.51 25.39
CA ILE B 413 -29.86 -7.23 25.76
C ILE B 413 -30.02 -7.74 27.21
N ASN B 414 -29.76 -9.03 27.40
CA ASN B 414 -29.73 -9.70 28.72
C ASN B 414 -29.05 -8.83 29.79
N SER B 415 -27.91 -8.20 29.49
CA SER B 415 -27.17 -7.30 30.42
C SER B 415 -27.83 -5.92 30.58
N GLY B 416 -28.94 -5.65 29.90
CA GLY B 416 -29.71 -4.39 30.03
C GLY B 416 -29.74 -3.49 28.78
N ALA B 417 -28.88 -3.73 27.78
CA ALA B 417 -28.70 -2.82 26.62
C ALA B 417 -29.94 -2.84 25.72
N ASP B 418 -30.37 -1.66 25.28
CA ASP B 418 -31.53 -1.53 24.36
C ASP B 418 -31.01 -1.65 22.93
N VAL B 419 -31.13 -2.84 22.32
CA VAL B 419 -30.66 -3.17 20.95
C VAL B 419 -31.89 -3.74 20.26
N ARG B 420 -32.29 -3.18 19.11
CA ARG B 420 -33.62 -3.44 18.54
C ARG B 420 -33.50 -4.25 17.26
N GLY B 421 -32.28 -4.58 16.84
CA GLY B 421 -32.13 -5.43 15.65
C GLY B 421 -30.69 -5.74 15.33
N TYR B 422 -30.52 -6.71 14.45
CA TYR B 422 -29.21 -7.19 13.95
C TYR B 422 -29.32 -7.24 12.43
N LEU B 423 -28.46 -6.46 11.78
CA LEU B 423 -28.47 -6.36 10.30
C LEU B 423 -27.12 -6.91 9.80
N HIS B 424 -27.13 -8.01 9.07
CA HIS B 424 -25.91 -8.72 8.60
C HIS B 424 -25.38 -7.99 7.37
N TRP B 425 -24.07 -7.85 7.29
CA TRP B 425 -23.38 -7.45 6.05
C TRP B 425 -22.89 -8.70 5.31
N SER B 426 -23.52 -9.08 4.20
CA SER B 426 -24.68 -8.39 3.64
C SER B 426 -25.63 -9.45 3.10
N LEU B 427 -26.75 -9.06 2.50
CA LEU B 427 -27.68 -10.02 1.88
C LEU B 427 -26.92 -10.77 0.78
N ALA B 428 -26.28 -10.02 -0.11
CA ALA B 428 -25.58 -10.60 -1.26
C ALA B 428 -24.17 -10.02 -1.36
N ASP B 429 -23.29 -10.78 -2.03
CA ASP B 429 -21.94 -10.37 -2.38
C ASP B 429 -22.08 -9.00 -3.08
N ASN B 430 -21.04 -8.19 -3.02
CA ASN B 430 -21.06 -6.85 -3.64
C ASN B 430 -19.63 -6.35 -3.87
N TYR B 431 -19.51 -5.11 -4.38
CA TYR B 431 -18.21 -4.49 -4.73
C TYR B 431 -17.53 -3.99 -3.45
N GLU B 432 -16.45 -4.65 -3.07
CA GLU B 432 -15.72 -4.32 -1.82
C GLU B 432 -14.68 -3.22 -2.10
N TRP B 433 -15.15 -2.06 -2.55
CA TRP B 433 -14.32 -0.83 -2.59
C TRP B 433 -13.02 -1.10 -3.37
N ALA B 434 -11.86 -0.74 -2.85
CA ALA B 434 -10.58 -0.88 -3.57
C ALA B 434 -10.22 -2.37 -3.81
N SER B 435 -10.79 -3.31 -3.04
CA SER B 435 -10.54 -4.78 -3.18
C SER B 435 -11.30 -5.38 -4.34
N GLY B 436 -12.36 -4.71 -4.82
CA GLY B 436 -13.18 -5.30 -5.90
C GLY B 436 -14.10 -6.42 -5.46
N PHE B 437 -14.46 -7.27 -6.40
CA PHE B 437 -15.49 -8.32 -6.18
C PHE B 437 -14.97 -9.54 -5.40
N SER B 438 -13.65 -9.70 -5.22
CA SER B 438 -13.09 -10.98 -4.72
C SER B 438 -13.46 -11.18 -3.24
N MET B 439 -13.76 -10.11 -2.51
CA MET B 439 -14.13 -10.21 -1.08
C MET B 439 -15.65 -10.36 -1.00
N ARG B 440 -16.12 -11.53 -0.57
CA ARG B 440 -17.55 -11.92 -0.72
C ARG B 440 -18.20 -12.04 0.66
N PHE B 441 -19.10 -11.12 0.98
CA PHE B 441 -19.64 -10.95 2.34
C PHE B 441 -21.08 -11.42 2.42
N GLY B 442 -21.61 -11.96 1.34
CA GLY B 442 -23.04 -12.27 1.25
C GLY B 442 -23.46 -13.57 1.93
N LEU B 443 -24.63 -13.54 2.53
CA LEU B 443 -25.48 -14.72 2.82
C LEU B 443 -25.79 -15.42 1.50
N LEU B 444 -25.99 -14.63 0.45
CA LEU B 444 -26.22 -15.14 -0.92
C LEU B 444 -24.96 -14.89 -1.76
N LYS B 445 -24.54 -15.91 -2.49
CA LYS B 445 -23.42 -15.84 -3.45
C LYS B 445 -23.97 -15.24 -4.73
N VAL B 446 -23.20 -14.32 -5.35
CA VAL B 446 -23.56 -13.70 -6.66
C VAL B 446 -22.67 -14.33 -7.71
N ASP B 447 -23.28 -14.87 -8.77
CA ASP B 447 -22.61 -15.13 -10.07
C ASP B 447 -22.71 -13.79 -10.85
N TYR B 448 -21.57 -13.14 -11.02
CA TYR B 448 -21.46 -11.77 -11.61
C TYR B 448 -21.71 -11.86 -13.12
N ASN B 449 -21.65 -13.06 -13.72
CA ASN B 449 -21.97 -13.24 -15.15
C ASN B 449 -23.49 -13.19 -15.36
N THR B 450 -24.27 -13.94 -14.59
CA THR B 450 -25.74 -14.09 -14.78
C THR B 450 -26.51 -13.15 -13.86
N LYS B 451 -25.88 -12.67 -12.79
CA LYS B 451 -26.48 -11.91 -11.67
C LYS B 451 -27.41 -12.82 -10.84
N ARG B 452 -27.34 -14.15 -11.01
CA ARG B 452 -28.11 -15.12 -10.17
C ARG B 452 -27.57 -15.13 -8.74
N LEU B 453 -28.49 -15.23 -7.78
CA LEU B 453 -28.22 -15.32 -6.33
C LEU B 453 -28.36 -16.77 -5.87
N TYR B 454 -27.46 -17.23 -5.01
CA TYR B 454 -27.46 -18.62 -4.49
C TYR B 454 -27.43 -18.55 -2.98
N TRP B 455 -28.16 -19.45 -2.33
CA TRP B 455 -28.18 -19.55 -0.84
C TRP B 455 -26.96 -20.32 -0.38
N ARG B 456 -25.99 -19.63 0.21
CA ARG B 456 -24.94 -20.32 1.00
C ARG B 456 -25.64 -20.91 2.22
N PRO B 457 -25.10 -22.03 2.74
CA PRO B 457 -25.67 -22.67 3.93
C PRO B 457 -25.91 -21.68 5.07
N SER B 458 -25.01 -20.71 5.29
CA SER B 458 -25.20 -19.63 6.30
C SER B 458 -26.55 -18.89 6.07
N ALA B 459 -27.10 -18.87 4.85
CA ALA B 459 -28.41 -18.24 4.58
C ALA B 459 -29.53 -19.12 5.16
N LEU B 460 -29.42 -20.44 5.01
CA LEU B 460 -30.39 -21.40 5.60
C LEU B 460 -30.34 -21.27 7.12
N VAL B 461 -29.13 -21.10 7.66
CA VAL B 461 -28.97 -20.86 9.12
C VAL B 461 -29.67 -19.55 9.52
N TYR B 462 -29.52 -18.46 8.74
CA TYR B 462 -30.12 -17.15 9.15
C TYR B 462 -31.65 -17.25 9.09
N ARG B 463 -32.18 -17.98 8.12
CA ARG B 463 -33.65 -18.19 8.02
C ARG B 463 -34.13 -18.87 9.31
N GLU B 464 -33.36 -19.85 9.81
CA GLU B 464 -33.67 -20.53 11.10
C GLU B 464 -33.77 -19.47 12.19
N ILE B 465 -32.79 -18.56 12.26
CA ILE B 465 -32.74 -17.54 13.34
C ILE B 465 -33.92 -16.57 13.19
N ALA B 466 -34.12 -16.00 12.01
CA ALA B 466 -35.10 -14.89 11.83
C ALA B 466 -36.55 -15.41 11.93
N THR B 467 -36.89 -16.56 11.34
CA THR B 467 -38.24 -17.17 11.37
C THR B 467 -38.60 -17.55 12.81
N ASN B 468 -37.62 -17.80 13.69
CA ASN B 468 -37.86 -18.26 15.07
C ASN B 468 -37.71 -17.11 16.07
N GLY B 469 -37.05 -16.02 15.69
CA GLY B 469 -36.74 -14.92 16.62
C GLY B 469 -35.80 -15.41 17.70
N ALA B 470 -34.93 -16.36 17.33
CA ALA B 470 -34.07 -17.09 18.28
C ALA B 470 -32.92 -17.85 17.57
N ILE B 471 -31.82 -18.03 18.28
CA ILE B 471 -30.87 -19.15 17.99
C ILE B 471 -31.56 -20.42 18.52
N THR B 472 -31.97 -21.34 17.65
CA THR B 472 -32.73 -22.53 18.06
C THR B 472 -31.79 -23.55 18.74
N ASP B 473 -32.35 -24.48 19.50
CA ASP B 473 -31.59 -25.59 20.13
C ASP B 473 -30.74 -26.28 19.05
N GLU B 474 -31.30 -26.44 17.85
CA GLU B 474 -30.71 -27.28 16.79
C GLU B 474 -29.43 -26.64 16.23
N ILE B 475 -29.25 -25.31 16.28
CA ILE B 475 -28.08 -24.65 15.61
C ILE B 475 -27.14 -24.00 16.63
N GLU B 476 -27.41 -24.20 17.92
CA GLU B 476 -26.67 -23.58 19.03
C GLU B 476 -25.17 -23.90 19.06
N HIS B 477 -24.77 -25.05 18.51
CA HIS B 477 -23.35 -25.52 18.47
C HIS B 477 -22.51 -24.54 17.63
N LEU B 478 -23.15 -23.76 16.74
CA LEU B 478 -22.44 -22.78 15.88
C LEU B 478 -22.04 -21.56 16.69
N ASN B 479 -22.52 -21.44 17.93
CA ASN B 479 -21.99 -20.44 18.88
C ASN B 479 -20.63 -20.91 19.37
N SER B 480 -19.63 -20.95 18.48
CA SER B 480 -18.27 -21.46 18.75
C SER B 480 -17.32 -20.96 17.67
N VAL B 481 -16.03 -21.16 17.88
CA VAL B 481 -14.93 -20.79 16.95
C VAL B 481 -14.86 -21.82 15.84
N PRO B 482 -14.82 -21.42 14.55
CA PRO B 482 -14.52 -22.34 13.47
C PRO B 482 -13.30 -23.19 13.80
N PRO B 483 -13.41 -24.53 13.76
CA PRO B 483 -12.25 -25.38 14.01
C PRO B 483 -11.10 -24.98 13.07
N VAL B 484 -9.94 -24.70 13.65
CA VAL B 484 -8.72 -24.23 12.91
C VAL B 484 -7.95 -25.41 12.30
N LYS B 485 -8.04 -26.65 12.85
CA LYS B 485 -7.17 -27.76 12.35
C LYS B 485 -7.38 -27.96 10.85
N PRO B 486 -8.63 -27.98 10.32
CA PRO B 486 -8.84 -28.23 8.89
C PRO B 486 -8.67 -27.01 7.97
N LEU B 487 -8.52 -25.81 8.54
CA LEU B 487 -8.37 -24.54 7.76
C LEU B 487 -6.89 -24.27 7.51
N ARG B 488 -6.60 -23.43 6.54
CA ARG B 488 -5.22 -22.97 6.30
C ARG B 488 -4.63 -22.32 7.56
N HIS B 489 -3.32 -22.59 7.79
CA HIS B 489 -2.37 -21.77 8.62
C HIS B 489 -1.34 -21.10 7.67
#